data_2ZU8
#
_entry.id   2ZU8
#
_cell.length_a   54.238
_cell.length_b   84.993
_cell.length_c   83.592
_cell.angle_alpha   90.00
_cell.angle_beta   101.91
_cell.angle_gamma   90.00
#
_symmetry.space_group_name_H-M   'P 1 21 1'
#
loop_
_entity.id
_entity.type
_entity.pdbx_description
1 polymer 'Mannosyl-3-phosphoglycerate synthase'
2 non-polymer "GUANOSINE-5'-DIPHOSPHATE-ALPHA-D-MANNOSE"
#
_entity_poly.entity_id   1
_entity_poly.type   'polypeptide(L)'
_entity_poly.pdbx_seq_one_letter_code
;(MSE)LLEAPVYKEIFGAVTIHEVQKVIK(MSE)DTETEEVPIYTISNIPREKIYDLLGK(MSE)AVIVP(MSE)KNEKL
HLVDGVLKAIPHKCPIIIVSNSKREGPNRYKLEVDLIRHFYNLTHSKII(MSE)IHQKDPGLAKAFKEVGYTDILDENG
(MSE)IRSGKGEG(MSE)LVGLLLAKAIGAEYVGFVDADNYIPGAVNEYVKDYAAGFL(MSE)SESEYT(MSE)VRLHWR
HKPKVTKGTLYFKKWGRVSEITNHYLNLLVSEHTAFETTI(MSE)VTGNAGEHA(MSE)T(MSE)KLAEILPFSTGYSIE
PYEIVYILERFGKWENVEEFKDVFDQGIEIFQIETLNPHFHEDKGKEHVKE(MSE)LLLSLATIYHSKLATDNLRKRILK
DLRDHGILGENEEPPKPLV(MSE)RPIKEIPIKEW(MSE)DIVEGNSETLLRFEL
;
_entity_poly.pdbx_strand_id   A,B
#
# COMPACT_ATOMS: atom_id res chain seq x y z
N LEU A 2 -9.19 8.53 -8.83
CA LEU A 2 -9.01 9.18 -10.13
C LEU A 2 -8.07 8.37 -11.04
N LEU A 3 -8.32 8.40 -12.33
CA LEU A 3 -7.52 7.69 -13.33
C LEU A 3 -7.46 8.60 -14.54
N GLU A 4 -6.59 8.30 -15.48
CA GLU A 4 -6.50 9.05 -16.71
C GLU A 4 -7.60 8.46 -17.60
N ALA A 5 -8.47 9.30 -18.14
CA ALA A 5 -9.57 8.81 -18.98
C ALA A 5 -9.13 7.78 -20.03
N PRO A 6 -9.99 6.79 -20.34
CA PRO A 6 -9.76 5.72 -21.30
C PRO A 6 -9.88 6.31 -22.69
N VAL A 7 -8.99 7.26 -22.96
CA VAL A 7 -9.00 7.98 -24.22
C VAL A 7 -8.49 7.23 -25.45
N TYR A 8 -7.34 6.56 -25.37
CA TYR A 8 -6.82 5.86 -26.54
C TYR A 8 -6.92 4.35 -26.52
N LYS A 9 -7.09 3.78 -27.72
CA LYS A 9 -7.19 2.33 -27.84
C LYS A 9 -6.91 1.76 -29.23
N GLU A 10 -7.02 0.44 -29.31
CA GLU A 10 -6.81 -0.29 -30.54
C GLU A 10 -7.89 -1.34 -30.68
N ILE A 11 -8.46 -1.44 -31.86
CA ILE A 11 -9.51 -2.40 -32.06
C ILE A 11 -9.10 -3.48 -33.05
N PHE A 12 -9.36 -4.73 -32.70
CA PHE A 12 -9.06 -5.87 -33.57
C PHE A 12 -10.32 -6.73 -33.51
N GLY A 13 -11.10 -6.71 -34.59
CA GLY A 13 -12.34 -7.47 -34.63
C GLY A 13 -13.30 -6.87 -33.63
N ALA A 14 -13.82 -7.71 -32.74
CA ALA A 14 -14.74 -7.24 -31.71
C ALA A 14 -14.00 -7.04 -30.39
N VAL A 15 -12.68 -6.99 -30.46
CA VAL A 15 -11.84 -6.81 -29.28
C VAL A 15 -11.27 -5.39 -29.19
N THR A 16 -11.54 -4.71 -28.09
CA THR A 16 -11.01 -3.37 -27.87
C THR A 16 -9.96 -3.43 -26.76
N ILE A 17 -8.74 -3.00 -27.06
CA ILE A 17 -7.70 -3.01 -26.06
C ILE A 17 -7.34 -1.57 -25.72
N HIS A 18 -7.62 -1.18 -24.49
CA HIS A 18 -7.33 0.18 -24.04
C HIS A 18 -5.88 0.41 -23.73
N GLU A 19 -5.45 1.65 -23.95
CA GLU A 19 -4.08 2.09 -23.68
C GLU A 19 -3.98 2.01 -22.17
N VAL A 20 -2.80 1.71 -21.64
CA VAL A 20 -2.66 1.64 -20.19
C VAL A 20 -3.01 2.97 -19.48
N GLN A 21 -3.78 2.86 -18.39
CA GLN A 21 -4.16 4.06 -17.68
C GLN A 21 -3.58 4.10 -16.31
N LYS A 22 -3.29 5.30 -15.84
CA LYS A 22 -2.72 5.44 -14.51
C LYS A 22 -3.66 5.91 -13.44
N VAL A 23 -3.57 5.28 -12.27
CA VAL A 23 -4.34 5.67 -11.10
C VAL A 23 -3.63 6.98 -10.76
N ILE A 24 -4.39 8.03 -10.55
CA ILE A 24 -3.82 9.33 -10.27
C ILE A 24 -4.06 9.88 -8.88
N LYS A 25 -5.15 9.48 -8.25
CA LYS A 25 -5.48 9.96 -6.91
C LYS A 25 -6.28 8.84 -6.28
N ASP A 27 -8.50 8.45 -3.07
CA ASP A 27 -9.86 8.43 -2.50
C ASP A 27 -10.70 9.61 -2.92
N THR A 28 -11.81 9.36 -3.63
CA THR A 28 -12.67 10.44 -4.08
C THR A 28 -14.14 10.07 -4.08
N VAL A 33 -15.89 17.86 -8.80
CA VAL A 33 -15.78 18.73 -9.96
C VAL A 33 -14.95 18.03 -11.02
N PRO A 34 -15.43 18.02 -12.26
CA PRO A 34 -14.73 17.37 -13.36
C PRO A 34 -13.37 17.93 -13.69
N ILE A 35 -12.46 17.02 -14.03
CA ILE A 35 -11.09 17.35 -14.39
C ILE A 35 -10.84 16.92 -15.84
N TYR A 36 -10.39 17.84 -16.68
CA TYR A 36 -10.12 17.52 -18.07
C TYR A 36 -9.19 16.28 -18.15
N THR A 37 -9.48 15.35 -19.05
CA THR A 37 -8.73 14.09 -19.26
C THR A 37 -8.56 13.20 -18.03
N ILE A 38 -9.43 13.38 -17.05
CA ILE A 38 -9.37 12.59 -15.86
C ILE A 38 -10.74 12.00 -15.64
N SER A 39 -10.80 10.72 -15.31
CA SER A 39 -12.06 10.06 -15.05
C SER A 39 -12.21 9.98 -13.54
N ASN A 40 -13.40 10.27 -13.04
CA ASN A 40 -13.64 10.16 -11.61
C ASN A 40 -14.60 9.00 -11.32
N ILE A 41 -14.11 8.03 -10.54
CA ILE A 41 -14.87 6.87 -10.15
C ILE A 41 -15.00 7.00 -8.64
N PRO A 42 -16.12 7.57 -8.18
CA PRO A 42 -16.36 7.77 -6.75
C PRO A 42 -16.42 6.50 -5.88
N ARG A 43 -15.87 6.59 -4.67
CA ARG A 43 -15.88 5.49 -3.70
C ARG A 43 -17.24 4.82 -3.62
N GLU A 44 -18.29 5.63 -3.60
CA GLU A 44 -19.65 5.10 -3.50
C GLU A 44 -19.88 4.01 -4.52
N LYS A 45 -19.46 4.25 -5.75
CA LYS A 45 -19.63 3.30 -6.82
C LYS A 45 -18.77 2.06 -6.71
N ILE A 46 -17.50 2.24 -6.36
CA ILE A 46 -16.61 1.11 -6.22
C ILE A 46 -17.13 0.20 -5.12
N TYR A 47 -17.56 0.80 -4.02
CA TYR A 47 -18.06 0.04 -2.89
C TYR A 47 -19.35 -0.76 -3.08
N ASP A 48 -20.33 -0.27 -3.83
CA ASP A 48 -21.52 -1.05 -3.99
C ASP A 48 -21.26 -2.15 -5.05
N LEU A 49 -20.14 -2.02 -5.78
CA LEU A 49 -19.76 -3.01 -6.78
C LEU A 49 -19.03 -4.18 -6.15
N LEU A 50 -18.25 -3.93 -5.11
CA LEU A 50 -17.46 -4.95 -4.46
C LEU A 50 -18.21 -6.15 -3.93
N GLY A 51 -19.41 -5.93 -3.40
CA GLY A 51 -20.17 -7.05 -2.88
C GLY A 51 -20.55 -8.02 -3.98
N LYS A 52 -20.26 -7.64 -5.21
CA LYS A 52 -20.59 -8.45 -6.37
C LYS A 52 -19.41 -9.16 -6.99
N ALA A 54 -16.03 -11.67 -6.50
CA ALA A 54 -15.36 -12.69 -5.71
C ALA A 54 -13.87 -12.58 -5.98
N VAL A 55 -13.07 -12.51 -4.93
CA VAL A 55 -11.63 -12.43 -5.12
C VAL A 55 -11.03 -13.82 -4.92
N ILE A 56 -10.36 -14.32 -5.96
CA ILE A 56 -9.75 -15.63 -5.84
C ILE A 56 -8.25 -15.54 -5.56
N VAL A 57 -7.83 -16.29 -4.55
CA VAL A 57 -6.44 -16.30 -4.14
C VAL A 57 -5.83 -17.67 -4.26
N PRO A 58 -5.14 -17.95 -5.38
CA PRO A 58 -4.53 -19.27 -5.48
C PRO A 58 -3.30 -19.22 -4.58
N LYS A 60 0.12 -21.61 -2.76
CA LYS A 60 0.87 -22.83 -2.62
C LYS A 60 2.15 -22.64 -1.81
N ASN A 61 2.16 -23.18 -0.59
CA ASN A 61 3.30 -23.11 0.31
C ASN A 61 3.83 -21.70 0.52
N GLU A 62 2.97 -20.75 0.84
CA GLU A 62 3.43 -19.41 1.06
C GLU A 62 3.55 -19.19 2.54
N LYS A 63 4.45 -18.29 2.93
CA LYS A 63 4.61 -17.95 4.33
C LYS A 63 3.28 -17.45 4.88
N LEU A 64 2.93 -17.97 6.06
CA LEU A 64 1.69 -17.64 6.72
C LEU A 64 1.44 -16.17 7.02
N HIS A 65 2.43 -15.42 7.48
CA HIS A 65 2.17 -14.01 7.76
C HIS A 65 1.87 -13.20 6.47
N LEU A 66 2.37 -13.69 5.34
CA LEU A 66 2.13 -13.04 4.09
C LEU A 66 0.68 -13.30 3.69
N VAL A 67 0.26 -14.56 3.74
CA VAL A 67 -1.11 -14.90 3.38
C VAL A 67 -2.02 -14.05 4.26
N ASP A 68 -1.57 -13.86 5.48
CA ASP A 68 -2.30 -13.07 6.46
C ASP A 68 -2.48 -11.59 6.00
N GLY A 69 -1.36 -10.95 5.68
CA GLY A 69 -1.42 -9.57 5.26
C GLY A 69 -2.31 -9.34 4.05
N VAL A 70 -2.31 -10.30 3.14
CA VAL A 70 -3.13 -10.21 1.95
C VAL A 70 -4.63 -10.32 2.30
N LEU A 71 -5.01 -11.30 3.11
CA LEU A 71 -6.42 -11.46 3.50
C LEU A 71 -6.94 -10.23 4.24
N LYS A 72 -6.07 -9.60 5.02
CA LYS A 72 -6.44 -8.44 5.80
C LYS A 72 -6.69 -7.17 4.99
N ALA A 73 -6.20 -7.13 3.76
CA ALA A 73 -6.33 -5.98 2.90
C ALA A 73 -7.45 -6.10 1.87
N ILE A 74 -8.05 -7.27 1.75
CA ILE A 74 -9.12 -7.42 0.79
C ILE A 74 -10.35 -6.78 1.42
N PRO A 75 -11.05 -5.91 0.69
CA PRO A 75 -12.24 -5.24 1.22
C PRO A 75 -13.20 -6.24 1.89
N HIS A 76 -13.74 -5.85 3.05
CA HIS A 76 -14.64 -6.71 3.80
C HIS A 76 -15.84 -7.29 3.05
N LYS A 77 -16.45 -6.52 2.16
CA LYS A 77 -17.63 -7.04 1.49
C LYS A 77 -17.37 -7.96 0.27
N CYS A 78 -16.11 -8.27 -0.03
CA CYS A 78 -15.81 -9.15 -1.15
C CYS A 78 -15.72 -10.59 -0.63
N PRO A 79 -16.34 -11.54 -1.33
CA PRO A 79 -16.21 -12.90 -0.80
C PRO A 79 -14.84 -13.42 -1.21
N ILE A 80 -14.13 -14.05 -0.28
CA ILE A 80 -12.83 -14.60 -0.60
C ILE A 80 -12.88 -16.10 -0.88
N ILE A 81 -12.25 -16.49 -1.98
CA ILE A 81 -12.16 -17.88 -2.36
C ILE A 81 -10.68 -18.24 -2.47
N ILE A 82 -10.26 -19.18 -1.62
CA ILE A 82 -8.91 -19.65 -1.56
C ILE A 82 -8.78 -21.10 -2.04
N VAL A 83 -7.91 -21.32 -3.02
CA VAL A 83 -7.62 -22.65 -3.54
C VAL A 83 -6.13 -22.90 -3.21
N SER A 84 -5.88 -23.86 -2.36
CA SER A 84 -4.52 -24.17 -1.97
C SER A 84 -4.01 -25.45 -2.63
N ASN A 85 -2.75 -25.42 -3.07
CA ASN A 85 -2.12 -26.57 -3.66
C ASN A 85 -0.93 -26.81 -2.78
N SER A 86 -1.10 -26.43 -1.52
CA SER A 86 -0.03 -26.57 -0.56
C SER A 86 0.22 -28.00 -0.18
N LYS A 87 1.43 -28.21 0.27
CA LYS A 87 1.88 -29.50 0.69
C LYS A 87 0.98 -30.19 1.75
N ARG A 88 0.67 -31.46 1.49
CA ARG A 88 -0.23 -32.25 2.31
C ARG A 88 0.28 -33.11 3.48
N GLU A 89 1.50 -33.63 3.38
CA GLU A 89 2.07 -34.40 4.51
C GLU A 89 3.56 -34.09 4.76
N GLY A 90 3.95 -34.20 6.03
CA GLY A 90 5.30 -33.91 6.46
C GLY A 90 5.84 -32.56 6.01
N PRO A 91 5.24 -31.45 6.42
CA PRO A 91 4.06 -31.44 7.30
C PRO A 91 2.77 -31.11 6.55
N ASN A 92 1.61 -31.47 7.11
CA ASN A 92 0.35 -31.12 6.46
C ASN A 92 0.25 -29.61 6.64
N ARG A 93 0.72 -28.92 5.61
CA ARG A 93 0.77 -27.48 5.57
C ARG A 93 -0.57 -26.82 5.25
N TYR A 94 -1.48 -27.59 4.68
CA TYR A 94 -2.80 -27.05 4.38
C TYR A 94 -3.53 -26.93 5.70
N LYS A 95 -3.21 -27.83 6.62
CA LYS A 95 -3.79 -27.79 7.94
C LYS A 95 -3.36 -26.48 8.65
N LEU A 96 -2.13 -26.04 8.43
CA LEU A 96 -1.69 -24.78 9.02
C LEU A 96 -2.59 -23.66 8.49
N GLU A 97 -2.74 -23.61 7.17
CA GLU A 97 -3.55 -22.59 6.51
C GLU A 97 -4.98 -22.62 7.00
N VAL A 98 -5.52 -23.82 7.20
CA VAL A 98 -6.87 -23.92 7.73
C VAL A 98 -6.90 -23.21 9.10
N ASP A 99 -5.89 -23.43 9.92
CA ASP A 99 -5.86 -22.79 11.22
C ASP A 99 -5.80 -21.28 11.14
N LEU A 100 -4.95 -20.73 10.26
CA LEU A 100 -4.86 -19.29 10.08
C LEU A 100 -6.18 -18.73 9.52
N ILE A 101 -6.82 -19.47 8.64
CA ILE A 101 -8.07 -19.00 8.06
C ILE A 101 -9.18 -18.98 9.09
N ARG A 102 -9.15 -19.90 10.04
CA ARG A 102 -10.18 -19.92 11.05
C ARG A 102 -9.97 -18.83 12.06
N HIS A 103 -8.73 -18.58 12.42
CA HIS A 103 -8.47 -17.52 13.36
C HIS A 103 -8.79 -16.20 12.69
N PHE A 104 -8.50 -16.10 11.39
CA PHE A 104 -8.78 -14.88 10.65
C PHE A 104 -10.28 -14.65 10.55
N TYR A 105 -11.03 -15.73 10.45
CA TYR A 105 -12.46 -15.60 10.34
C TYR A 105 -13.11 -15.15 11.66
N ASN A 106 -12.59 -15.63 12.80
CA ASN A 106 -13.17 -15.27 14.09
C ASN A 106 -12.96 -13.81 14.47
N LEU A 107 -11.91 -13.19 13.95
CA LEU A 107 -11.62 -11.80 14.25
C LEU A 107 -12.28 -10.83 13.29
N THR A 108 -12.62 -11.31 12.10
CA THR A 108 -13.22 -10.44 11.10
C THR A 108 -14.57 -10.85 10.53
N HIS A 109 -14.93 -12.13 10.68
CA HIS A 109 -16.18 -12.63 10.13
C HIS A 109 -16.29 -12.29 8.65
N SER A 110 -15.20 -12.52 7.93
CA SER A 110 -15.18 -12.28 6.49
C SER A 110 -15.84 -13.50 5.82
N LYS A 111 -16.40 -13.31 4.64
CA LYS A 111 -17.01 -14.43 3.92
C LYS A 111 -15.90 -15.17 3.20
N ILE A 112 -15.68 -16.43 3.56
CA ILE A 112 -14.59 -17.17 2.94
C ILE A 112 -14.92 -18.60 2.55
N ILE A 113 -14.33 -19.02 1.43
CA ILE A 113 -14.47 -20.39 0.99
C ILE A 113 -13.07 -20.85 0.67
N ILE A 115 -10.55 -24.44 -0.09
CA ILE A 115 -10.52 -25.84 -0.49
C ILE A 115 -9.13 -26.11 -1.04
N HIS A 116 -8.69 -27.35 -0.91
CA HIS A 116 -7.38 -27.72 -1.43
C HIS A 116 -7.60 -28.29 -2.84
N GLN A 117 -6.78 -27.81 -3.76
CA GLN A 117 -6.80 -28.21 -5.16
C GLN A 117 -6.79 -29.72 -5.38
N LYS A 118 -6.06 -30.47 -4.56
CA LYS A 118 -5.97 -31.93 -4.73
C LYS A 118 -7.10 -32.66 -4.06
N ASP A 119 -8.10 -31.96 -3.55
CA ASP A 119 -9.18 -32.66 -2.89
C ASP A 119 -9.82 -33.73 -3.77
N PRO A 120 -9.86 -34.99 -3.29
CA PRO A 120 -10.45 -36.11 -4.04
C PRO A 120 -11.93 -35.89 -4.41
N GLY A 121 -12.63 -35.10 -3.60
CA GLY A 121 -14.03 -34.82 -3.86
C GLY A 121 -14.17 -33.86 -5.02
N LEU A 122 -13.12 -33.08 -5.28
CA LEU A 122 -13.17 -32.14 -6.38
C LEU A 122 -12.97 -32.93 -7.67
N ALA A 123 -12.01 -33.84 -7.67
CA ALA A 123 -11.78 -34.63 -8.87
C ALA A 123 -12.99 -35.50 -9.17
N LYS A 124 -13.84 -35.72 -8.16
CA LYS A 124 -15.02 -36.54 -8.35
C LYS A 124 -16.09 -35.78 -9.12
N ALA A 125 -16.28 -34.50 -8.79
CA ALA A 125 -17.27 -33.67 -9.47
C ALA A 125 -16.89 -33.36 -10.92
N PHE A 126 -15.62 -33.08 -11.18
CA PHE A 126 -15.15 -32.79 -12.53
C PHE A 126 -15.37 -34.00 -13.43
N LYS A 127 -14.87 -35.12 -12.94
CA LYS A 127 -14.97 -36.38 -13.64
C LYS A 127 -16.41 -36.86 -13.82
N GLU A 128 -17.25 -36.61 -12.84
CA GLU A 128 -18.63 -37.08 -12.91
C GLU A 128 -19.45 -36.26 -13.90
N VAL A 129 -19.05 -35.01 -14.07
CA VAL A 129 -19.73 -34.10 -14.97
C VAL A 129 -19.16 -34.20 -16.39
N GLY A 130 -18.10 -34.99 -16.57
CA GLY A 130 -17.52 -35.14 -17.90
C GLY A 130 -16.34 -34.23 -18.21
N TYR A 131 -15.96 -33.39 -17.25
CA TYR A 131 -14.84 -32.47 -17.43
C TYR A 131 -13.52 -33.15 -17.01
N THR A 132 -12.73 -33.54 -17.99
CA THR A 132 -11.47 -34.23 -17.71
C THR A 132 -10.19 -33.47 -18.06
N ASP A 133 -10.32 -32.26 -18.62
CA ASP A 133 -9.16 -31.46 -18.99
C ASP A 133 -8.32 -31.08 -17.81
N ILE A 134 -8.92 -31.05 -16.62
CA ILE A 134 -8.20 -30.68 -15.44
C ILE A 134 -7.50 -31.85 -14.73
N LEU A 135 -7.77 -33.08 -15.18
CA LEU A 135 -7.21 -34.25 -14.52
C LEU A 135 -5.92 -34.84 -15.08
N ASP A 136 -5.11 -35.37 -14.17
CA ASP A 136 -3.83 -35.99 -14.51
C ASP A 136 -4.03 -37.40 -15.07
N GLU A 137 -2.91 -38.10 -15.19
CA GLU A 137 -2.91 -39.48 -15.69
C GLU A 137 -3.93 -40.31 -14.92
N ASN A 138 -3.78 -40.25 -13.60
CA ASN A 138 -4.59 -41.01 -12.65
C ASN A 138 -5.88 -40.45 -12.06
N GLY A 139 -6.56 -39.58 -12.79
CA GLY A 139 -7.82 -39.07 -12.29
C GLY A 139 -7.79 -38.08 -11.15
N ILE A 141 -6.69 -34.18 -9.77
CA ILE A 141 -6.45 -32.84 -10.28
C ILE A 141 -4.98 -32.48 -10.39
N ARG A 142 -4.62 -31.90 -11.52
CA ARG A 142 -3.26 -31.48 -11.81
C ARG A 142 -2.79 -30.24 -11.09
N SER A 143 -1.55 -30.26 -10.64
CA SER A 143 -0.94 -29.12 -9.98
C SER A 143 -0.81 -28.08 -11.04
N GLY A 144 -0.79 -26.81 -10.64
CA GLY A 144 -0.66 -25.75 -11.59
C GLY A 144 -1.60 -24.63 -11.20
N LYS A 145 -1.14 -23.39 -11.40
CA LYS A 145 -1.95 -22.26 -11.04
C LYS A 145 -3.18 -22.05 -11.90
N GLY A 146 -3.02 -22.20 -13.21
CA GLY A 146 -4.16 -22.07 -14.08
C GLY A 146 -5.23 -23.02 -13.54
N GLU A 147 -4.80 -24.18 -13.07
CA GLU A 147 -5.71 -25.19 -12.55
C GLU A 147 -6.41 -24.76 -11.27
N GLY A 148 -5.68 -24.13 -10.36
CA GLY A 148 -6.29 -23.68 -9.12
C GLY A 148 -7.32 -22.61 -9.41
N LEU A 150 -9.03 -22.16 -12.02
CA LEU A 150 -10.19 -22.73 -12.66
C LEU A 150 -11.14 -23.28 -11.62
N VAL A 151 -10.60 -23.83 -10.54
CA VAL A 151 -11.43 -24.37 -9.47
C VAL A 151 -12.06 -23.17 -8.74
N GLY A 152 -11.25 -22.14 -8.49
CA GLY A 152 -11.74 -20.96 -7.80
C GLY A 152 -12.87 -20.28 -8.54
N LEU A 153 -12.74 -20.26 -9.85
CA LEU A 153 -13.71 -19.66 -10.74
C LEU A 153 -15.07 -20.41 -10.67
N LEU A 154 -15.02 -21.74 -10.56
CA LEU A 154 -16.25 -22.54 -10.46
C LEU A 154 -16.90 -22.33 -9.11
N LEU A 155 -16.08 -22.14 -8.09
CA LEU A 155 -16.62 -21.86 -6.76
C LEU A 155 -17.24 -20.47 -6.87
N ALA A 156 -16.54 -19.55 -7.51
CA ALA A 156 -17.08 -18.20 -7.63
C ALA A 156 -18.43 -18.27 -8.35
N LYS A 157 -18.50 -19.13 -9.36
CA LYS A 157 -19.74 -19.27 -10.07
C LYS A 157 -20.81 -19.88 -9.18
N ALA A 158 -20.46 -20.93 -8.45
CA ALA A 158 -21.42 -21.57 -7.56
C ALA A 158 -22.12 -20.57 -6.64
N ILE A 159 -21.39 -19.57 -6.14
CA ILE A 159 -22.01 -18.59 -5.24
C ILE A 159 -22.60 -17.38 -5.96
N GLY A 160 -22.78 -17.49 -7.27
CA GLY A 160 -23.36 -16.38 -8.02
C GLY A 160 -22.63 -15.04 -8.09
N ALA A 161 -21.33 -15.04 -8.37
CA ALA A 161 -20.60 -13.79 -8.47
C ALA A 161 -20.59 -13.33 -9.91
N GLU A 162 -20.75 -12.02 -10.09
CA GLU A 162 -20.78 -11.38 -11.40
C GLU A 162 -19.38 -11.05 -11.88
N TYR A 163 -18.47 -10.92 -10.93
CA TYR A 163 -17.08 -10.61 -11.24
C TYR A 163 -16.13 -11.43 -10.41
N VAL A 164 -15.00 -11.75 -11.01
CA VAL A 164 -13.94 -12.45 -10.29
C VAL A 164 -12.63 -11.70 -10.50
N GLY A 165 -11.83 -11.61 -9.45
CA GLY A 165 -10.54 -10.98 -9.51
C GLY A 165 -9.52 -11.87 -8.83
N PHE A 166 -8.33 -12.01 -9.42
CA PHE A 166 -7.26 -12.84 -8.85
C PHE A 166 -6.20 -11.99 -8.17
N VAL A 167 -5.71 -12.45 -7.03
CA VAL A 167 -4.67 -11.73 -6.31
C VAL A 167 -3.76 -12.78 -5.72
N ASP A 168 -2.47 -12.64 -5.99
CA ASP A 168 -1.51 -13.60 -5.50
C ASP A 168 -1.28 -13.44 -4.00
N ALA A 169 -0.74 -14.48 -3.36
CA ALA A 169 -0.57 -14.43 -1.93
C ALA A 169 0.85 -14.08 -1.47
N ASP A 170 1.82 -14.21 -2.36
CA ASP A 170 3.18 -13.94 -1.96
C ASP A 170 3.52 -12.46 -2.16
N ASN A 171 2.61 -11.59 -1.72
CA ASN A 171 2.81 -10.16 -1.85
C ASN A 171 3.31 -9.61 -0.53
N TYR A 172 4.32 -8.73 -0.60
CA TYR A 172 4.91 -8.12 0.59
C TYR A 172 4.15 -6.85 0.99
N ILE A 173 3.35 -6.33 0.07
CA ILE A 173 2.60 -5.11 0.34
C ILE A 173 1.10 -5.31 0.37
N PRO A 174 0.53 -5.49 1.58
CA PRO A 174 -0.91 -5.66 1.73
C PRO A 174 -1.64 -4.50 1.07
N GLY A 175 -1.15 -3.28 1.31
CA GLY A 175 -1.76 -2.11 0.73
C GLY A 175 -2.03 -2.28 -0.74
N ALA A 176 -1.05 -2.82 -1.45
CA ALA A 176 -1.22 -3.03 -2.89
C ALA A 176 -2.45 -3.89 -3.16
N VAL A 177 -2.65 -4.93 -2.37
CA VAL A 177 -3.77 -5.80 -2.59
C VAL A 177 -5.08 -5.04 -2.52
N ASN A 178 -5.16 -4.16 -1.53
CA ASN A 178 -6.37 -3.37 -1.37
C ASN A 178 -6.60 -2.51 -2.61
N GLU A 179 -5.53 -1.97 -3.18
CA GLU A 179 -5.64 -1.14 -4.36
C GLU A 179 -6.08 -1.93 -5.61
N TYR A 180 -5.55 -3.14 -5.79
CA TYR A 180 -5.91 -3.95 -6.95
C TYR A 180 -7.40 -4.21 -7.03
N VAL A 181 -7.96 -4.63 -5.91
CA VAL A 181 -9.37 -4.93 -5.86
C VAL A 181 -10.17 -3.70 -6.24
N LYS A 182 -9.70 -2.52 -5.85
CA LYS A 182 -10.39 -1.30 -6.24
C LYS A 182 -10.13 -0.94 -7.70
N ASP A 183 -8.94 -1.19 -8.19
CA ASP A 183 -8.65 -0.91 -9.59
C ASP A 183 -9.51 -1.77 -10.53
N TYR A 184 -9.88 -2.97 -10.08
CA TYR A 184 -10.73 -3.87 -10.88
C TYR A 184 -12.13 -3.28 -11.05
N ALA A 185 -12.69 -2.84 -9.94
CA ALA A 185 -14.02 -2.24 -9.91
C ALA A 185 -14.04 -1.03 -10.82
N ALA A 186 -13.01 -0.22 -10.72
CA ALA A 186 -12.88 0.98 -11.54
C ALA A 186 -12.90 0.57 -12.99
N GLY A 187 -12.17 -0.49 -13.31
CA GLY A 187 -12.11 -0.98 -14.68
C GLY A 187 -13.48 -1.41 -15.15
N PHE A 188 -14.22 -2.13 -14.31
CA PHE A 188 -15.56 -2.55 -14.69
C PHE A 188 -16.55 -1.40 -14.71
N LEU A 189 -16.33 -0.37 -13.91
CA LEU A 189 -17.24 0.76 -13.91
C LEU A 189 -17.09 1.61 -15.18
N SER A 191 -16.36 0.42 -18.01
CA SER A 191 -16.70 -0.43 -19.13
C SER A 191 -18.11 -0.27 -19.67
N GLU A 192 -18.29 -0.58 -20.94
CA GLU A 192 -19.61 -0.52 -21.54
C GLU A 192 -20.09 -1.95 -21.85
N SER A 193 -19.17 -2.89 -21.97
CA SER A 193 -19.52 -4.27 -22.29
C SER A 193 -19.60 -5.25 -21.15
N GLU A 194 -20.48 -6.22 -21.32
CA GLU A 194 -20.65 -7.25 -20.30
C GLU A 194 -19.50 -8.27 -20.28
N TYR A 195 -18.71 -8.30 -21.35
CA TYR A 195 -17.54 -9.16 -21.44
C TYR A 195 -16.40 -8.18 -21.30
N THR A 196 -15.93 -8.03 -20.07
CA THR A 196 -14.85 -7.10 -19.80
C THR A 196 -13.77 -7.69 -18.95
N VAL A 198 -10.02 -6.72 -16.90
CA VAL A 198 -9.19 -5.69 -16.33
C VAL A 198 -7.88 -6.33 -15.86
N ARG A 199 -6.75 -5.88 -16.42
CA ARG A 199 -5.43 -6.42 -16.06
C ARG A 199 -4.57 -5.34 -15.47
N LEU A 200 -3.87 -5.66 -14.40
CA LEU A 200 -3.03 -4.68 -13.74
C LEU A 200 -1.57 -4.68 -14.14
N HIS A 201 -0.98 -3.49 -14.22
CA HIS A 201 0.44 -3.35 -14.54
C HIS A 201 1.09 -2.51 -13.46
N TRP A 202 2.39 -2.65 -13.28
CA TRP A 202 3.07 -1.88 -12.26
C TRP A 202 4.14 -0.96 -12.77
N TRP A 218 19.26 -10.52 -20.41
CA TRP A 218 18.10 -10.64 -21.27
C TRP A 218 16.96 -9.69 -20.94
N GLY A 219 16.45 -9.77 -19.71
CA GLY A 219 15.37 -8.87 -19.28
C GLY A 219 14.25 -9.51 -18.47
N ARG A 220 13.38 -8.68 -17.91
CA ARG A 220 12.26 -9.18 -17.12
C ARG A 220 11.34 -10.02 -18.01
N VAL A 221 10.70 -11.05 -17.45
CA VAL A 221 9.81 -11.92 -18.21
C VAL A 221 8.59 -11.15 -18.73
N SER A 222 8.15 -10.20 -17.91
CA SER A 222 7.01 -9.36 -18.22
C SER A 222 7.23 -8.67 -19.55
N GLU A 223 8.29 -7.88 -19.60
CA GLU A 223 8.70 -7.12 -20.77
C GLU A 223 8.84 -7.98 -22.02
N ILE A 224 9.45 -9.13 -21.85
CA ILE A 224 9.67 -10.03 -22.95
C ILE A 224 8.40 -10.70 -23.47
N THR A 225 7.46 -10.98 -22.59
CA THR A 225 6.22 -11.62 -23.00
C THR A 225 5.43 -10.67 -23.86
N ASN A 226 5.36 -9.42 -23.40
CA ASN A 226 4.65 -8.38 -24.09
C ASN A 226 5.25 -8.11 -25.46
N HIS A 227 6.57 -8.12 -25.53
CA HIS A 227 7.26 -7.90 -26.79
C HIS A 227 6.86 -8.93 -27.88
N TYR A 228 6.70 -10.18 -27.49
CA TYR A 228 6.31 -11.19 -28.47
C TYR A 228 4.83 -11.19 -28.74
N LEU A 229 4.04 -10.72 -27.77
CA LEU A 229 2.59 -10.64 -27.94
C LEU A 229 2.24 -9.49 -28.87
N ASN A 230 2.90 -8.36 -28.68
CA ASN A 230 2.63 -7.24 -29.55
C ASN A 230 3.04 -7.63 -30.94
N LEU A 231 4.13 -8.37 -31.03
CA LEU A 231 4.62 -8.81 -32.29
C LEU A 231 3.70 -9.86 -32.92
N LEU A 232 2.93 -10.54 -32.07
CA LEU A 232 2.01 -11.52 -32.59
C LEU A 232 1.00 -10.74 -33.42
N VAL A 233 0.60 -9.58 -32.89
CA VAL A 233 -0.36 -8.71 -33.54
C VAL A 233 0.18 -7.90 -34.74
N SER A 234 1.36 -7.30 -34.60
CA SER A 234 1.90 -6.51 -35.69
C SER A 234 2.24 -7.35 -36.91
N GLU A 235 2.47 -8.63 -36.67
CA GLU A 235 2.82 -9.56 -37.72
C GLU A 235 1.65 -9.66 -38.70
N HIS A 236 0.47 -9.24 -38.27
CA HIS A 236 -0.68 -9.29 -39.16
C HIS A 236 -1.13 -7.90 -39.56
N THR A 237 -0.58 -6.91 -38.88
CA THR A 237 -0.97 -5.53 -39.13
C THR A 237 -0.01 -4.68 -39.96
N ALA A 238 1.20 -5.17 -40.17
CA ALA A 238 2.19 -4.41 -40.92
C ALA A 238 2.46 -3.08 -40.19
N PHE A 239 2.08 -3.07 -38.92
CA PHE A 239 2.31 -1.92 -38.07
C PHE A 239 2.65 -2.60 -36.77
N GLU A 240 3.59 -2.04 -36.03
CA GLU A 240 3.93 -2.65 -34.78
C GLU A 240 3.31 -1.85 -33.64
N THR A 241 2.95 -2.52 -32.55
CA THR A 241 2.34 -1.79 -31.44
C THR A 241 3.08 -2.05 -30.15
N THR A 242 2.63 -1.41 -29.09
CA THR A 242 3.17 -1.58 -27.75
C THR A 242 1.93 -1.40 -26.89
N ILE A 243 0.80 -1.68 -27.52
CA ILE A 243 -0.50 -1.58 -26.87
C ILE A 243 -0.61 -2.54 -25.68
N VAL A 245 0.41 -4.38 -22.61
CA VAL A 245 1.37 -4.10 -21.55
C VAL A 245 1.16 -4.98 -20.31
N THR A 246 0.30 -5.98 -20.47
CA THR A 246 -0.07 -6.87 -19.39
C THR A 246 -0.10 -8.36 -19.75
N GLY A 247 0.86 -8.82 -20.55
CA GLY A 247 0.88 -10.21 -20.97
C GLY A 247 0.92 -11.21 -19.83
N ASN A 248 1.75 -10.90 -18.84
CA ASN A 248 1.91 -11.71 -17.66
C ASN A 248 1.26 -11.05 -16.47
N ALA A 249 0.04 -10.57 -16.59
CA ALA A 249 -0.58 -9.92 -15.44
C ALA A 249 -1.19 -10.91 -14.44
N GLY A 250 -0.42 -11.28 -13.41
CA GLY A 250 -0.94 -12.19 -12.40
C GLY A 250 -2.11 -11.58 -11.64
N GLU A 251 -2.24 -10.26 -11.71
CA GLU A 251 -3.36 -9.61 -11.07
C GLU A 251 -4.36 -9.14 -12.13
N HIS A 252 -5.45 -9.88 -12.29
CA HIS A 252 -6.51 -9.49 -13.24
C HIS A 252 -7.92 -9.87 -12.77
N ALA A 253 -8.91 -9.34 -13.46
CA ALA A 253 -10.28 -9.61 -13.09
C ALA A 253 -11.16 -9.65 -14.32
N THR A 255 -15.47 -10.40 -15.86
CA THR A 255 -16.89 -10.52 -15.59
C THR A 255 -17.07 -12.03 -15.75
N LYS A 257 -19.21 -13.54 -16.94
CA LYS A 257 -19.69 -13.63 -18.30
C LYS A 257 -18.57 -13.98 -19.30
N LEU A 258 -17.48 -13.23 -19.27
CA LEU A 258 -16.33 -13.43 -20.13
C LEU A 258 -15.51 -14.63 -19.66
N ALA A 259 -15.34 -14.70 -18.36
CA ALA A 259 -14.60 -15.80 -17.78
C ALA A 259 -15.17 -17.18 -18.10
N GLU A 260 -16.48 -17.30 -18.25
CA GLU A 260 -17.01 -18.62 -18.49
C GLU A 260 -16.86 -19.14 -19.91
N ILE A 261 -16.53 -18.28 -20.85
CA ILE A 261 -16.34 -18.80 -22.18
C ILE A 261 -14.86 -18.83 -22.57
N LEU A 262 -13.96 -18.56 -21.64
CA LEU A 262 -12.55 -18.60 -21.97
C LEU A 262 -11.97 -19.95 -21.58
N PRO A 263 -11.18 -20.58 -22.47
CA PRO A 263 -10.54 -21.87 -22.22
C PRO A 263 -9.24 -21.56 -21.50
N PHE A 264 -9.02 -22.19 -20.36
CA PHE A 264 -7.83 -21.90 -19.57
C PHE A 264 -6.60 -22.80 -19.75
N SER A 265 -5.46 -22.13 -20.00
CA SER A 265 -4.20 -22.80 -20.21
C SER A 265 -3.65 -23.28 -18.87
N THR A 266 -2.73 -24.22 -18.92
CA THR A 266 -2.10 -24.83 -17.74
C THR A 266 -1.02 -24.00 -17.04
N GLY A 267 -0.77 -24.31 -15.77
CA GLY A 267 0.25 -23.60 -15.01
C GLY A 267 0.27 -22.09 -15.19
N TYR A 268 1.44 -21.53 -15.47
CA TYR A 268 1.59 -20.09 -15.65
C TYR A 268 1.19 -19.56 -17.04
N SER A 269 0.91 -20.45 -17.98
CA SER A 269 0.55 -20.01 -19.31
C SER A 269 -0.85 -19.43 -19.38
N ILE A 270 -1.63 -19.59 -18.32
CA ILE A 270 -2.99 -19.07 -18.33
C ILE A 270 -3.14 -17.58 -18.70
N GLU A 271 -2.39 -16.69 -18.06
CA GLU A 271 -2.54 -15.28 -18.39
C GLU A 271 -2.22 -14.89 -19.83
N PRO A 272 -1.01 -15.21 -20.33
CA PRO A 272 -0.74 -14.82 -21.72
C PRO A 272 -1.64 -15.53 -22.72
N TYR A 273 -2.17 -16.69 -22.35
CA TYR A 273 -3.04 -17.41 -23.25
C TYR A 273 -4.41 -16.76 -23.39
N GLU A 274 -4.87 -16.09 -22.34
CA GLU A 274 -6.14 -15.39 -22.39
C GLU A 274 -6.12 -14.39 -23.55
N ILE A 275 -5.04 -13.61 -23.63
CA ILE A 275 -4.88 -12.62 -24.68
C ILE A 275 -4.80 -13.30 -26.02
N VAL A 276 -3.95 -14.30 -26.11
CA VAL A 276 -3.78 -15.04 -27.35
C VAL A 276 -5.09 -15.60 -27.86
N TYR A 277 -5.89 -16.17 -26.97
CA TYR A 277 -7.14 -16.76 -27.39
C TYR A 277 -8.16 -15.75 -27.89
N ILE A 278 -8.37 -14.72 -27.08
CA ILE A 278 -9.32 -13.67 -27.43
C ILE A 278 -8.97 -13.08 -28.80
N LEU A 279 -7.67 -12.93 -29.07
CA LEU A 279 -7.22 -12.41 -30.34
C LEU A 279 -7.48 -13.35 -31.51
N GLU A 280 -7.17 -14.65 -31.37
CA GLU A 280 -7.44 -15.57 -32.47
C GLU A 280 -8.91 -15.97 -32.58
N ARG A 281 -9.71 -15.66 -31.57
CA ARG A 281 -11.12 -16.05 -31.63
C ARG A 281 -12.10 -14.92 -31.92
N PHE A 282 -11.76 -13.73 -31.47
CA PHE A 282 -12.66 -12.61 -31.65
C PHE A 282 -12.03 -11.43 -32.40
N GLY A 283 -10.77 -11.60 -32.78
CA GLY A 283 -10.05 -10.56 -33.50
C GLY A 283 -10.44 -10.43 -34.97
N LYS A 284 -11.23 -11.39 -35.48
CA LYS A 284 -11.72 -11.40 -36.86
C LYS A 284 -13.23 -11.61 -36.77
N TRP A 285 -13.96 -11.19 -37.79
CA TRP A 285 -15.41 -11.37 -37.77
C TRP A 285 -15.77 -12.66 -38.49
N GLU A 286 -15.49 -13.77 -37.82
CA GLU A 286 -15.75 -15.07 -38.39
C GLU A 286 -16.39 -16.00 -37.40
N ASN A 287 -17.30 -16.84 -37.88
CA ASN A 287 -17.95 -17.80 -37.00
C ASN A 287 -18.48 -16.99 -35.83
N VAL A 288 -19.36 -16.07 -36.16
CA VAL A 288 -19.95 -15.18 -35.19
C VAL A 288 -21.12 -15.82 -34.49
N GLU A 289 -21.86 -16.63 -35.22
CA GLU A 289 -23.03 -17.31 -34.71
C GLU A 289 -22.91 -17.91 -33.31
N GLU A 290 -21.79 -18.61 -33.08
CA GLU A 290 -21.49 -19.27 -31.82
C GLU A 290 -21.29 -18.37 -30.57
N PHE A 291 -21.04 -17.08 -30.79
CA PHE A 291 -20.82 -16.10 -29.72
C PHE A 291 -21.34 -14.78 -30.19
N LYS A 292 -22.53 -14.78 -30.78
CA LYS A 292 -23.07 -13.55 -31.33
C LYS A 292 -23.27 -12.43 -30.35
N ASP A 293 -23.62 -12.76 -29.11
CA ASP A 293 -23.80 -11.70 -28.16
C ASP A 293 -22.40 -11.13 -27.86
N VAL A 294 -21.40 -12.00 -27.83
CA VAL A 294 -20.03 -11.54 -27.59
C VAL A 294 -19.58 -10.61 -28.71
N PHE A 295 -19.99 -10.89 -29.93
CA PHE A 295 -19.61 -10.06 -31.06
C PHE A 295 -20.40 -8.77 -31.08
N ASP A 296 -21.64 -8.83 -30.63
CA ASP A 296 -22.46 -7.64 -30.55
C ASP A 296 -21.87 -6.69 -29.53
N GLN A 297 -21.69 -7.19 -28.30
CA GLN A 297 -21.14 -6.43 -27.16
C GLN A 297 -19.71 -5.99 -27.35
N GLY A 298 -18.88 -6.96 -27.75
CA GLY A 298 -17.48 -6.70 -27.95
C GLY A 298 -16.80 -7.09 -26.66
N ILE A 299 -15.50 -7.32 -26.73
CA ILE A 299 -14.74 -7.65 -25.54
C ILE A 299 -13.95 -6.39 -25.23
N GLU A 300 -14.09 -5.89 -24.03
CA GLU A 300 -13.32 -4.72 -23.65
C GLU A 300 -12.23 -5.19 -22.70
N ILE A 301 -11.01 -4.73 -22.94
CA ILE A 301 -9.88 -5.08 -22.08
C ILE A 301 -9.25 -3.81 -21.55
N PHE A 302 -9.24 -3.68 -20.23
CA PHE A 302 -8.65 -2.54 -19.57
C PHE A 302 -7.29 -2.92 -19.03
N GLN A 303 -6.40 -1.93 -19.02
CA GLN A 303 -5.03 -2.04 -18.55
C GLN A 303 -4.74 -0.88 -17.59
N ILE A 304 -4.76 -1.16 -16.29
CA ILE A 304 -4.48 -0.12 -15.32
C ILE A 304 -3.13 -0.29 -14.62
N GLU A 305 -2.35 0.78 -14.60
CA GLU A 305 -1.05 0.76 -13.92
C GLU A 305 -1.25 1.24 -12.49
N THR A 306 -0.94 0.38 -11.54
CA THR A 306 -1.10 0.67 -10.13
C THR A 306 -0.09 1.65 -9.51
N LEU A 307 -0.56 2.34 -8.48
CA LEU A 307 0.23 3.29 -7.73
C LEU A 307 1.34 2.54 -6.96
N ASN A 308 1.01 1.40 -6.38
CA ASN A 308 2.00 0.64 -5.62
C ASN A 308 2.94 -0.19 -6.50
N PRO A 309 4.22 -0.32 -6.08
CA PRO A 309 5.14 -1.12 -6.87
C PRO A 309 4.74 -2.60 -6.72
N HIS A 310 5.39 -3.45 -7.51
CA HIS A 310 5.14 -4.88 -7.54
C HIS A 310 6.26 -5.53 -6.76
N PHE A 311 5.91 -6.28 -5.72
CA PHE A 311 6.95 -6.87 -4.89
C PHE A 311 6.57 -8.19 -4.27
N HIS A 312 6.98 -9.27 -4.92
CA HIS A 312 6.71 -10.62 -4.43
C HIS A 312 7.94 -11.26 -3.86
N GLU A 313 7.74 -12.36 -3.16
CA GLU A 313 8.86 -13.10 -2.64
C GLU A 313 9.45 -13.74 -3.89
N ASP A 314 10.76 -13.66 -4.05
CA ASP A 314 11.37 -14.22 -5.23
C ASP A 314 11.46 -15.74 -5.07
N LYS A 315 11.13 -16.47 -6.13
CA LYS A 315 11.12 -17.93 -6.05
C LYS A 315 12.30 -18.64 -6.73
N GLY A 316 13.24 -17.89 -7.30
CA GLY A 316 14.40 -18.51 -7.92
C GLY A 316 14.53 -18.59 -9.44
N LYS A 317 15.77 -18.74 -9.90
CA LYS A 317 16.10 -18.84 -11.33
C LYS A 317 15.24 -19.90 -12.04
N GLU A 318 15.08 -21.05 -11.40
CA GLU A 318 14.32 -22.17 -11.93
C GLU A 318 12.85 -21.85 -12.22
N HIS A 319 12.19 -21.27 -11.22
CA HIS A 319 10.80 -20.87 -11.32
C HIS A 319 10.69 -19.79 -12.39
N VAL A 320 11.61 -18.83 -12.33
CA VAL A 320 11.59 -17.73 -13.27
C VAL A 320 11.55 -18.14 -14.73
N LYS A 321 12.34 -19.10 -15.15
CA LYS A 321 12.28 -19.42 -16.57
C LYS A 321 11.26 -20.50 -16.89
N GLU A 322 10.65 -21.11 -15.87
CA GLU A 322 9.61 -22.09 -16.14
C GLU A 322 8.49 -21.18 -16.67
N LEU A 324 8.82 -18.27 -18.02
CA LEU A 324 9.29 -17.82 -19.33
C LEU A 324 8.98 -18.79 -20.47
N LEU A 325 9.38 -20.04 -20.29
CA LEU A 325 9.14 -21.07 -21.29
C LEU A 325 7.64 -21.18 -21.54
N LEU A 326 6.88 -21.37 -20.48
CA LEU A 326 5.44 -21.49 -20.63
C LEU A 326 4.80 -20.28 -21.36
N SER A 327 5.12 -19.07 -20.92
CA SER A 327 4.60 -17.85 -21.57
C SER A 327 4.94 -17.80 -23.05
N LEU A 328 6.21 -17.99 -23.36
CA LEU A 328 6.60 -17.97 -24.76
C LEU A 328 6.12 -19.17 -25.57
N ALA A 329 6.09 -20.36 -24.97
CA ALA A 329 5.62 -21.57 -25.67
C ALA A 329 4.21 -21.32 -26.19
N THR A 330 3.45 -20.60 -25.38
CA THR A 330 2.07 -20.26 -25.64
C THR A 330 1.86 -19.33 -26.84
N ILE A 331 2.79 -18.41 -27.10
CA ILE A 331 2.69 -17.48 -28.24
C ILE A 331 3.17 -18.19 -29.50
N TYR A 332 4.17 -19.02 -29.29
CA TYR A 332 4.79 -19.79 -30.35
C TYR A 332 3.80 -20.73 -31.00
N HIS A 333 2.91 -21.31 -30.20
CA HIS A 333 1.92 -22.26 -30.74
C HIS A 333 0.59 -21.65 -31.17
N SER A 334 0.49 -20.34 -31.05
CA SER A 334 -0.73 -19.63 -31.47
C SER A 334 -0.91 -19.85 -32.97
N LYS A 335 -2.16 -20.07 -33.41
CA LYS A 335 -2.46 -20.28 -34.84
C LYS A 335 -2.30 -18.96 -35.52
N LEU A 336 -2.04 -17.95 -34.72
CA LEU A 336 -1.90 -16.60 -35.20
C LEU A 336 -0.41 -16.31 -35.42
N ALA A 337 0.44 -17.22 -34.96
CA ALA A 337 1.87 -17.03 -35.08
C ALA A 337 2.40 -17.36 -36.46
N THR A 338 3.48 -16.68 -36.85
CA THR A 338 4.10 -16.90 -38.15
C THR A 338 5.51 -17.50 -38.02
N ASP A 339 6.12 -17.73 -39.18
CA ASP A 339 7.44 -18.29 -39.19
C ASP A 339 8.48 -17.37 -38.59
N ASN A 340 8.45 -16.10 -38.98
CA ASN A 340 9.41 -15.18 -38.42
C ASN A 340 9.31 -15.12 -36.90
N LEU A 341 8.09 -15.05 -36.39
CA LEU A 341 7.89 -14.98 -34.96
C LEU A 341 8.43 -16.24 -34.30
N ARG A 342 7.86 -17.38 -34.69
CA ARG A 342 8.26 -18.67 -34.15
C ARG A 342 9.77 -18.83 -34.14
N LYS A 343 10.42 -18.41 -35.22
CA LYS A 343 11.87 -18.50 -35.35
C LYS A 343 12.67 -17.65 -34.37
N ARG A 344 12.24 -16.44 -34.07
CA ARG A 344 13.00 -15.64 -33.13
C ARG A 344 12.66 -15.94 -31.68
N ILE A 345 11.54 -16.63 -31.44
CA ILE A 345 11.17 -17.02 -30.07
C ILE A 345 12.14 -18.16 -29.71
N LEU A 346 12.46 -18.96 -30.73
CA LEU A 346 13.38 -20.08 -30.58
C LEU A 346 14.78 -19.56 -30.33
N LYS A 347 15.15 -18.54 -31.08
CA LYS A 347 16.44 -17.98 -30.94
C LYS A 347 16.69 -17.60 -29.49
N ASP A 348 15.96 -16.62 -28.94
CA ASP A 348 16.33 -16.33 -27.57
C ASP A 348 15.74 -17.19 -26.48
N LEU A 349 15.37 -18.42 -26.80
CA LEU A 349 14.92 -19.32 -25.75
C LEU A 349 16.14 -20.20 -25.56
N ARG A 350 16.88 -20.40 -26.65
CA ARG A 350 18.10 -21.21 -26.62
C ARG A 350 19.28 -20.33 -26.17
N ASP A 351 19.45 -19.17 -26.81
CA ASP A 351 20.54 -18.26 -26.45
C ASP A 351 20.63 -18.10 -24.95
N HIS A 352 19.54 -18.48 -24.30
CA HIS A 352 19.46 -18.38 -22.87
C HIS A 352 19.32 -19.81 -22.38
N GLY A 353 19.62 -20.04 -21.13
CA GLY A 353 19.56 -21.40 -20.65
C GLY A 353 18.32 -22.27 -20.87
N ILE A 354 17.19 -21.64 -21.21
CA ILE A 354 15.91 -22.38 -21.33
C ILE A 354 15.75 -23.57 -22.26
N LEU A 355 15.88 -23.38 -23.56
CA LEU A 355 15.66 -24.51 -24.47
C LEU A 355 16.83 -25.36 -25.10
N GLY A 356 16.59 -26.36 -25.88
CA GLY A 356 17.84 -27.12 -26.35
C GLY A 356 18.50 -26.81 -27.67
N GLU A 357 17.72 -27.13 -28.73
CA GLU A 357 18.15 -26.98 -30.14
C GLU A 357 17.62 -28.23 -30.99
N ASN A 358 16.42 -28.55 -30.39
CA ASN A 358 15.49 -29.67 -30.57
C ASN A 358 14.52 -29.30 -29.44
N PRO A 361 9.52 -26.04 -28.60
CA PRO A 361 8.94 -25.98 -27.25
C PRO A 361 7.65 -26.80 -27.22
N PRO A 362 7.22 -27.22 -26.03
CA PRO A 362 5.99 -28.02 -25.98
C PRO A 362 4.76 -27.13 -25.95
N LYS A 363 3.66 -27.60 -26.54
CA LYS A 363 2.42 -26.84 -26.54
C LYS A 363 1.88 -27.00 -25.13
N PRO A 364 1.62 -25.89 -24.43
CA PRO A 364 1.08 -26.07 -23.07
C PRO A 364 -0.35 -26.56 -23.20
N LEU A 365 -0.79 -27.39 -22.25
CA LEU A 365 -2.15 -27.94 -22.27
C LEU A 365 -3.20 -26.84 -22.04
N VAL A 366 -4.32 -26.94 -22.77
CA VAL A 366 -5.41 -25.98 -22.66
C VAL A 366 -6.70 -26.72 -22.30
N ARG A 368 -10.92 -26.76 -21.60
CA ARG A 368 -12.07 -26.09 -22.16
C ARG A 368 -12.70 -25.06 -21.24
N PRO A 369 -13.65 -24.27 -21.77
CA PRO A 369 -14.34 -23.26 -20.99
C PRO A 369 -15.31 -24.01 -20.07
N ILE A 370 -15.57 -23.46 -18.90
CA ILE A 370 -16.44 -24.09 -17.93
C ILE A 370 -17.89 -23.73 -18.11
N LYS A 371 -18.18 -22.94 -19.14
CA LYS A 371 -19.54 -22.51 -19.41
C LYS A 371 -20.49 -23.68 -19.35
N GLU A 372 -20.11 -24.76 -20.02
CA GLU A 372 -20.95 -25.91 -19.96
C GLU A 372 -20.40 -26.96 -19.02
N ILE A 373 -20.80 -26.79 -17.78
CA ILE A 373 -20.52 -27.67 -16.68
C ILE A 373 -21.74 -27.25 -15.89
N PRO A 374 -22.61 -28.22 -15.54
CA PRO A 374 -23.82 -27.94 -14.77
C PRO A 374 -23.45 -27.58 -13.33
N ILE A 375 -23.02 -26.33 -13.14
CA ILE A 375 -22.55 -25.84 -11.83
C ILE A 375 -23.21 -26.45 -10.61
N LYS A 376 -24.54 -26.43 -10.57
CA LYS A 376 -25.23 -26.97 -9.40
C LYS A 376 -24.97 -28.44 -9.16
N GLU A 377 -25.03 -29.25 -10.22
CA GLU A 377 -24.75 -30.66 -10.01
C GLU A 377 -23.32 -30.76 -9.51
N TRP A 378 -22.41 -30.07 -10.20
CA TRP A 378 -20.98 -30.06 -9.85
C TRP A 378 -20.74 -29.65 -8.40
N ASP A 380 -22.82 -29.38 -5.75
CA ASP A 380 -23.29 -30.18 -4.64
C ASP A 380 -22.62 -31.54 -4.57
N ILE A 381 -21.84 -31.90 -5.59
CA ILE A 381 -21.10 -33.16 -5.52
C ILE A 381 -19.85 -32.80 -4.73
N VAL A 382 -19.29 -31.63 -5.06
CA VAL A 382 -18.12 -31.11 -4.38
C VAL A 382 -18.50 -31.00 -2.93
N GLU A 383 -19.56 -30.26 -2.70
CA GLU A 383 -20.04 -30.04 -1.35
C GLU A 383 -20.34 -31.35 -0.63
N GLY A 384 -20.72 -32.37 -1.38
CA GLY A 384 -21.04 -33.64 -0.77
C GLY A 384 -19.89 -34.60 -0.54
N ASN A 385 -18.80 -34.44 -1.26
CA ASN A 385 -17.67 -35.35 -1.15
C ASN A 385 -16.33 -34.77 -0.76
N SER A 386 -16.25 -33.47 -0.53
CA SER A 386 -14.94 -32.90 -0.25
C SER A 386 -14.50 -32.74 1.19
N GLU A 387 -13.46 -33.47 1.54
CA GLU A 387 -12.88 -33.47 2.88
C GLU A 387 -12.07 -32.20 3.25
N THR A 388 -11.83 -31.32 2.30
CA THR A 388 -11.07 -30.11 2.60
C THR A 388 -11.85 -28.82 2.41
N LEU A 389 -13.03 -28.88 1.80
CA LEU A 389 -13.81 -27.66 1.60
C LEU A 389 -14.12 -27.03 2.96
N LEU A 390 -14.08 -25.71 3.02
CA LEU A 390 -14.28 -24.98 4.26
C LEU A 390 -15.10 -23.73 3.95
N ARG A 391 -16.25 -23.57 4.60
CA ARG A 391 -17.10 -22.43 4.31
C ARG A 391 -17.29 -21.46 5.47
N PHE A 392 -17.66 -20.22 5.13
CA PHE A 392 -17.88 -19.18 6.12
C PHE A 392 -18.86 -18.13 5.63
N GLU A 393 -20.08 -18.19 6.17
CA GLU A 393 -21.12 -17.25 5.78
C GLU A 393 -21.12 -17.14 4.28
N LEU A 394 -20.72 -18.20 3.61
CA LEU A 394 -20.65 -18.16 2.15
C LEU A 394 -20.59 -19.56 1.52
N LEU B 2 -10.94 -2.57 11.20
CA LEU B 2 -10.92 -3.38 12.42
C LEU B 2 -9.53 -3.37 13.06
N LEU B 3 -9.50 -3.13 14.37
CA LEU B 3 -8.24 -3.09 15.11
C LEU B 3 -8.40 -3.86 16.40
N GLU B 4 -7.28 -4.26 16.99
CA GLU B 4 -7.29 -4.91 18.28
C GLU B 4 -7.80 -3.77 19.17
N ALA B 5 -8.59 -4.07 20.18
CA ALA B 5 -9.08 -3.00 21.03
C ALA B 5 -8.01 -2.56 22.00
N PRO B 6 -8.01 -1.28 22.36
CA PRO B 6 -7.01 -0.73 23.28
C PRO B 6 -7.29 -1.30 24.67
N VAL B 7 -6.96 -2.56 24.85
CA VAL B 7 -7.23 -3.21 26.12
C VAL B 7 -6.30 -2.83 27.23
N TYR B 8 -5.01 -2.88 26.95
CA TYR B 8 -4.04 -2.60 27.98
C TYR B 8 -3.28 -1.31 27.80
N LYS B 9 -2.49 -0.96 28.81
CA LYS B 9 -1.74 0.29 28.80
C LYS B 9 -1.02 0.56 30.11
N GLU B 10 -0.25 1.64 30.14
CA GLU B 10 0.48 2.02 31.33
C GLU B 10 0.19 3.47 31.64
N ILE B 11 0.21 3.83 32.91
CA ILE B 11 -0.13 5.18 33.27
C ILE B 11 0.82 5.87 34.23
N PHE B 12 1.48 6.93 33.74
CA PHE B 12 2.43 7.75 34.50
C PHE B 12 1.84 9.16 34.65
N GLY B 13 1.43 9.52 35.85
CA GLY B 13 0.84 10.83 36.04
C GLY B 13 -0.41 10.99 35.20
N ALA B 14 -0.46 12.01 34.35
CA ALA B 14 -1.63 12.22 33.52
C ALA B 14 -1.44 11.68 32.12
N VAL B 15 -0.47 10.79 31.93
CA VAL B 15 -0.20 10.26 30.60
C VAL B 15 -0.61 8.79 30.42
N THR B 16 -1.45 8.53 29.43
CA THR B 16 -1.82 7.15 29.20
C THR B 16 -1.18 6.67 27.93
N ILE B 17 -0.31 5.68 28.07
CA ILE B 17 0.37 5.10 26.94
C ILE B 17 -0.17 3.72 26.71
N HIS B 18 -0.84 3.58 25.59
CA HIS B 18 -1.44 2.33 25.17
C HIS B 18 -0.44 1.35 24.58
N GLU B 19 -0.73 0.05 24.75
CA GLU B 19 0.09 -1.01 24.23
C GLU B 19 -0.17 -1.05 22.73
N VAL B 20 0.86 -1.32 21.93
CA VAL B 20 0.71 -1.34 20.49
C VAL B 20 -0.48 -2.18 20.00
N GLN B 21 -1.24 -1.60 19.08
CA GLN B 21 -2.40 -2.26 18.48
C GLN B 21 -2.12 -2.59 17.01
N LYS B 22 -2.45 -3.82 16.60
CA LYS B 22 -2.26 -4.23 15.22
C LYS B 22 -3.53 -4.01 14.44
N VAL B 23 -3.40 -3.64 13.17
CA VAL B 23 -4.57 -3.45 12.32
C VAL B 23 -5.00 -4.86 11.97
N ILE B 24 -6.27 -5.17 12.14
CA ILE B 24 -6.72 -6.52 11.85
C ILE B 24 -7.41 -6.71 10.52
N LYS B 25 -8.32 -5.83 10.18
CA LYS B 25 -9.01 -5.91 8.91
C LYS B 25 -8.93 -4.52 8.34
N ASP B 27 -10.39 -2.92 5.93
CA ASP B 27 -11.48 -2.16 5.33
C ASP B 27 -12.93 -2.55 5.62
N THR B 28 -13.55 -1.90 6.61
CA THR B 28 -14.92 -2.19 6.96
C THR B 28 -15.69 -0.90 7.20
N THR B 37 -12.79 -7.16 22.64
CA THR B 37 -11.40 -7.52 22.35
C THR B 37 -10.93 -6.96 21.00
N ILE B 38 -11.88 -6.56 20.16
CA ILE B 38 -11.53 -5.99 18.87
C ILE B 38 -12.32 -4.67 18.81
N SER B 39 -11.77 -3.65 18.17
CA SER B 39 -12.43 -2.35 18.06
C SER B 39 -12.92 -2.19 16.64
N ASN B 40 -14.04 -1.51 16.46
CA ASN B 40 -14.54 -1.32 15.12
C ASN B 40 -14.87 0.12 14.81
N ILE B 41 -13.98 0.76 14.04
CA ILE B 41 -14.11 2.15 13.60
C ILE B 41 -14.56 2.10 12.15
N PRO B 42 -15.80 2.53 11.88
CA PRO B 42 -16.24 2.47 10.48
C PRO B 42 -15.71 3.53 9.54
N ARG B 43 -15.57 3.09 8.30
CA ARG B 43 -15.09 3.86 7.17
C ARG B 43 -15.73 5.24 7.10
N GLU B 44 -17.05 5.30 7.29
CA GLU B 44 -17.76 6.57 7.20
C GLU B 44 -17.29 7.61 8.21
N LYS B 45 -16.95 7.18 9.41
CA LYS B 45 -16.51 8.12 10.43
C LYS B 45 -15.06 8.53 10.25
N ILE B 46 -14.24 7.58 9.81
CA ILE B 46 -12.83 7.82 9.57
C ILE B 46 -12.73 8.85 8.45
N TYR B 47 -13.30 8.50 7.31
CA TYR B 47 -13.28 9.37 6.15
C TYR B 47 -13.92 10.73 6.53
N ASP B 48 -14.59 10.73 7.67
CA ASP B 48 -15.31 11.87 8.18
C ASP B 48 -14.47 12.87 9.01
N LEU B 49 -13.59 12.33 9.83
CA LEU B 49 -12.73 13.10 10.71
C LEU B 49 -11.66 13.68 9.81
N LEU B 50 -11.33 12.87 8.82
CA LEU B 50 -10.34 13.10 7.80
C LEU B 50 -10.29 14.51 7.19
N GLY B 51 -11.46 15.12 7.05
CA GLY B 51 -11.51 16.47 6.50
C GLY B 51 -11.11 17.54 7.50
N LYS B 52 -10.92 17.14 8.75
CA LYS B 52 -10.52 18.07 9.80
C LYS B 52 -9.02 17.91 10.03
N ALA B 54 -5.15 17.93 8.65
CA ALA B 54 -4.18 18.40 7.69
C ALA B 54 -2.98 17.45 7.72
N VAL B 55 -2.54 17.05 6.54
CA VAL B 55 -1.39 16.16 6.45
C VAL B 55 -0.19 17.00 6.04
N ILE B 56 0.77 17.11 6.95
CA ILE B 56 1.95 17.90 6.67
C ILE B 56 3.06 17.02 6.11
N VAL B 57 3.65 17.45 5.01
CA VAL B 57 4.71 16.65 4.42
C VAL B 57 6.02 17.42 4.30
N PRO B 58 6.95 17.18 5.24
CA PRO B 58 8.28 17.82 5.26
C PRO B 58 9.10 17.18 4.13
N LYS B 60 12.65 17.30 1.48
CA LYS B 60 13.99 17.81 1.26
C LYS B 60 14.79 17.05 0.22
N ASN B 61 14.89 17.65 -0.95
CA ASN B 61 15.64 17.05 -2.05
C ASN B 61 15.19 15.61 -2.33
N GLU B 62 13.94 15.29 -1.99
CA GLU B 62 13.45 13.95 -2.26
C GLU B 62 13.27 13.77 -3.76
N LYS B 63 13.24 12.51 -4.20
CA LYS B 63 13.04 12.22 -5.61
C LYS B 63 11.59 12.47 -6.03
N LEU B 64 11.45 13.22 -7.11
CA LEU B 64 10.18 13.59 -7.66
C LEU B 64 9.17 12.47 -7.83
N HIS B 65 9.63 11.29 -8.16
CA HIS B 65 8.70 10.18 -8.34
C HIS B 65 8.14 9.65 -7.00
N LEU B 66 8.95 9.69 -5.96
CA LEU B 66 8.47 9.24 -4.67
C LEU B 66 7.53 10.30 -4.12
N VAL B 67 7.88 11.56 -4.30
CA VAL B 67 7.05 12.66 -3.83
C VAL B 67 5.68 12.53 -4.48
N ASP B 68 5.69 12.40 -5.78
CA ASP B 68 4.45 12.27 -6.53
C ASP B 68 3.64 11.10 -5.97
N GLY B 69 4.30 9.96 -5.81
CA GLY B 69 3.64 8.78 -5.29
C GLY B 69 2.95 9.04 -3.96
N VAL B 70 3.67 9.68 -3.04
CA VAL B 70 3.12 10.02 -1.73
C VAL B 70 1.92 10.93 -1.86
N LEU B 71 2.06 12.01 -2.62
CA LEU B 71 0.95 12.95 -2.82
C LEU B 71 -0.34 12.26 -3.29
N LYS B 72 -0.23 11.38 -4.28
CA LYS B 72 -1.39 10.66 -4.81
C LYS B 72 -2.04 9.73 -3.85
N ALA B 73 -1.33 9.35 -2.79
CA ALA B 73 -1.88 8.43 -1.82
C ALA B 73 -2.67 9.08 -0.71
N ILE B 74 -2.51 10.39 -0.51
CA ILE B 74 -3.27 11.02 0.56
C ILE B 74 -4.75 11.04 0.17
N PRO B 75 -5.64 10.67 1.08
CA PRO B 75 -7.02 10.74 0.59
C PRO B 75 -7.37 12.17 0.26
N HIS B 76 -8.08 12.33 -0.86
CA HIS B 76 -8.49 13.63 -1.37
C HIS B 76 -8.97 14.65 -0.33
N LYS B 77 -9.81 14.28 0.63
CA LYS B 77 -10.25 15.32 1.54
C LYS B 77 -9.27 15.84 2.59
N CYS B 78 -8.06 15.31 2.59
CA CYS B 78 -7.11 15.82 3.54
C CYS B 78 -6.39 16.98 2.89
N PRO B 79 -6.37 18.13 3.58
CA PRO B 79 -5.69 19.30 3.03
C PRO B 79 -4.22 18.92 3.14
N ILE B 80 -3.45 19.18 2.10
CA ILE B 80 -2.02 18.84 2.11
C ILE B 80 -1.13 20.07 2.34
N ILE B 81 -0.24 19.97 3.31
CA ILE B 81 0.64 21.10 3.58
C ILE B 81 2.05 20.65 3.37
N ILE B 82 2.76 21.25 2.41
CA ILE B 82 4.15 20.87 2.15
C ILE B 82 5.18 21.92 2.54
N VAL B 83 6.24 21.48 3.20
CA VAL B 83 7.31 22.36 3.58
C VAL B 83 8.62 21.71 3.16
N SER B 84 9.16 22.27 2.09
CA SER B 84 10.41 21.88 1.47
C SER B 84 11.56 22.74 1.99
N ASN B 85 12.74 22.14 2.01
CA ASN B 85 13.97 22.79 2.41
C ASN B 85 15.01 22.29 1.41
N SER B 86 14.55 22.02 0.19
CA SER B 86 15.41 21.53 -0.87
C SER B 86 16.44 22.55 -1.36
N LYS B 87 17.51 22.04 -1.96
CA LYS B 87 18.58 22.89 -2.50
C LYS B 87 17.89 23.89 -3.42
N ARG B 88 18.16 25.18 -3.25
CA ARG B 88 17.44 26.15 -4.07
C ARG B 88 18.13 26.82 -5.24
N GLU B 89 19.23 26.23 -5.68
CA GLU B 89 19.91 26.74 -6.84
C GLU B 89 21.10 25.87 -7.19
N GLY B 90 21.41 25.82 -8.48
CA GLY B 90 22.49 25.00 -8.94
C GLY B 90 22.14 23.56 -8.67
N PRO B 91 20.92 23.09 -9.00
CA PRO B 91 19.78 23.80 -9.60
C PRO B 91 18.73 24.21 -8.56
N ASN B 92 17.74 25.01 -8.96
CA ASN B 92 16.69 25.39 -8.03
C ASN B 92 15.79 24.17 -7.96
N ARG B 93 16.06 23.34 -6.97
CA ARG B 93 15.34 22.11 -6.70
C ARG B 93 13.87 22.39 -6.32
N TYR B 94 13.64 23.51 -5.65
CA TYR B 94 12.31 23.86 -5.20
C TYR B 94 11.37 24.13 -6.37
N LYS B 95 11.94 24.72 -7.42
CA LYS B 95 11.22 25.07 -8.64
C LYS B 95 10.79 23.78 -9.32
N LEU B 96 11.65 22.78 -9.22
CA LEU B 96 11.35 21.48 -9.78
C LEU B 96 10.14 20.85 -9.05
N GLU B 97 10.03 21.15 -7.75
CA GLU B 97 8.94 20.65 -6.93
C GLU B 97 7.68 21.45 -7.20
N VAL B 98 7.86 22.75 -7.41
CA VAL B 98 6.75 23.65 -7.70
C VAL B 98 6.07 23.19 -8.97
N ASP B 99 6.86 22.75 -9.94
CA ASP B 99 6.35 22.29 -11.23
C ASP B 99 5.52 21.03 -11.12
N LEU B 100 5.96 20.13 -10.26
CA LEU B 100 5.25 18.89 -10.05
C LEU B 100 3.94 19.11 -9.28
N ILE B 101 4.00 19.94 -8.26
CA ILE B 101 2.84 20.25 -7.46
C ILE B 101 1.78 20.94 -8.32
N ARG B 102 2.22 21.67 -9.33
CA ARG B 102 1.30 22.38 -10.19
C ARG B 102 0.64 21.38 -11.14
N HIS B 103 1.41 20.41 -11.65
CA HIS B 103 0.84 19.42 -12.52
C HIS B 103 -0.12 18.55 -11.72
N PHE B 104 0.28 18.18 -10.51
CA PHE B 104 -0.53 17.36 -9.64
C PHE B 104 -1.89 18.00 -9.32
N TYR B 105 -1.87 19.30 -9.09
CA TYR B 105 -3.10 19.99 -8.76
C TYR B 105 -4.03 20.08 -9.94
N ASN B 106 -3.46 20.23 -11.13
CA ASN B 106 -4.30 20.30 -12.31
C ASN B 106 -4.96 18.97 -12.58
N LEU B 107 -4.28 17.87 -12.25
CA LEU B 107 -4.85 16.55 -12.45
C LEU B 107 -5.68 16.00 -11.30
N THR B 108 -5.70 16.69 -10.16
CA THR B 108 -6.49 16.22 -9.01
C THR B 108 -7.34 17.27 -8.30
N HIS B 109 -6.92 18.54 -8.34
CA HIS B 109 -7.67 19.59 -7.66
C HIS B 109 -7.62 19.36 -6.15
N SER B 110 -6.50 18.84 -5.67
CA SER B 110 -6.33 18.59 -4.24
C SER B 110 -5.96 19.89 -3.57
N LYS B 111 -6.53 20.11 -2.39
CA LYS B 111 -6.29 21.32 -1.58
C LYS B 111 -4.86 21.29 -1.05
N ILE B 112 -4.00 22.14 -1.59
CA ILE B 112 -2.64 22.09 -1.11
C ILE B 112 -1.94 23.43 -0.89
N ILE B 113 -1.21 23.51 0.23
CA ILE B 113 -0.44 24.69 0.57
C ILE B 113 1.03 24.26 0.57
N ILE B 115 5.30 25.76 0.79
CA ILE B 115 6.21 26.85 1.03
C ILE B 115 7.60 26.31 1.29
N HIS B 116 8.60 27.13 1.04
CA HIS B 116 9.95 26.69 1.31
C HIS B 116 10.31 27.16 2.73
N GLN B 117 11.01 26.30 3.45
CA GLN B 117 11.46 26.55 4.82
C GLN B 117 12.36 27.82 5.00
N LYS B 118 13.20 28.10 3.99
CA LYS B 118 14.10 29.25 4.03
C LYS B 118 13.53 30.55 3.45
N ASP B 119 12.24 30.55 3.16
CA ASP B 119 11.59 31.72 2.61
C ASP B 119 11.71 32.89 3.59
N PRO B 120 12.21 34.04 3.14
CA PRO B 120 12.40 35.26 3.94
C PRO B 120 11.12 35.82 4.55
N GLY B 121 9.99 35.57 3.89
CA GLY B 121 8.72 36.04 4.40
C GLY B 121 8.36 35.28 5.68
N LEU B 122 8.87 34.06 5.80
CA LEU B 122 8.58 33.29 7.02
C LEU B 122 9.37 33.86 8.20
N ALA B 123 10.67 34.08 8.01
CA ALA B 123 11.52 34.60 9.07
C ALA B 123 11.04 35.98 9.55
N LYS B 124 10.34 36.68 8.67
CA LYS B 124 9.85 37.99 9.01
C LYS B 124 8.61 37.90 9.91
N ALA B 125 7.70 36.98 9.61
CA ALA B 125 6.52 36.84 10.45
C ALA B 125 6.92 36.34 11.84
N PHE B 126 7.99 35.53 11.89
CA PHE B 126 8.46 34.98 13.15
C PHE B 126 9.16 36.01 14.04
N LYS B 127 9.95 36.88 13.41
CA LYS B 127 10.65 37.94 14.14
C LYS B 127 9.61 38.90 14.68
N GLU B 128 8.74 39.33 13.77
CA GLU B 128 7.68 40.27 14.11
C GLU B 128 6.84 39.83 15.30
N VAL B 129 6.34 38.60 15.30
CA VAL B 129 5.53 38.15 16.44
C VAL B 129 6.35 37.77 17.68
N GLY B 130 7.66 37.90 17.59
CA GLY B 130 8.51 37.59 18.72
C GLY B 130 8.88 36.13 18.94
N TYR B 131 8.84 35.30 17.90
CA TYR B 131 9.22 33.91 18.04
C TYR B 131 10.58 33.74 17.34
N THR B 132 11.63 33.57 18.13
CA THR B 132 12.97 33.47 17.55
C THR B 132 13.68 32.12 17.64
N ASP B 133 13.11 31.21 18.43
CA ASP B 133 13.70 29.90 18.59
C ASP B 133 13.99 29.19 17.26
N ILE B 134 13.17 29.44 16.24
CA ILE B 134 13.32 28.83 14.94
C ILE B 134 14.32 29.52 13.99
N LEU B 135 15.04 30.53 14.46
CA LEU B 135 15.98 31.23 13.58
C LEU B 135 17.44 30.88 13.82
N ASP B 136 18.22 30.83 12.76
CA ASP B 136 19.64 30.53 12.88
C ASP B 136 20.27 31.84 13.37
N GLU B 137 21.56 32.01 13.18
CA GLU B 137 22.17 33.25 13.64
C GLU B 137 21.96 34.39 12.65
N ASN B 138 21.82 34.10 11.37
CA ASN B 138 21.62 35.18 10.41
C ASN B 138 20.18 35.66 10.38
N GLY B 139 19.36 35.14 11.29
CA GLY B 139 17.96 35.54 11.33
C GLY B 139 17.14 34.88 10.23
N ILE B 141 15.47 31.07 8.78
CA ILE B 141 14.99 29.82 9.34
C ILE B 141 16.05 28.73 9.29
N ARG B 142 16.27 28.09 10.44
CA ARG B 142 17.26 27.03 10.61
C ARG B 142 16.86 25.72 9.92
N SER B 143 17.84 25.05 9.32
CA SER B 143 17.58 23.78 8.65
C SER B 143 17.22 22.73 9.68
N GLY B 144 16.35 21.80 9.30
CA GLY B 144 15.93 20.73 10.19
C GLY B 144 14.54 20.21 9.88
N LYS B 145 14.25 18.96 10.24
CA LYS B 145 12.93 18.42 9.98
C LYS B 145 11.95 18.95 11.01
N GLY B 146 12.35 18.93 12.27
CA GLY B 146 11.50 19.48 13.30
C GLY B 146 11.23 20.95 12.96
N GLU B 147 12.22 21.65 12.41
CA GLU B 147 12.05 23.04 12.03
C GLU B 147 10.98 23.24 10.95
N GLY B 148 10.99 22.37 9.95
CA GLY B 148 9.98 22.48 8.91
C GLY B 148 8.62 22.02 9.41
N LEU B 150 7.48 22.38 12.32
CA LEU B 150 6.90 23.44 13.13
C LEU B 150 6.19 24.44 12.23
N VAL B 151 6.80 24.77 11.10
CA VAL B 151 6.19 25.70 10.16
C VAL B 151 4.90 25.08 9.63
N GLY B 152 4.94 23.78 9.39
CA GLY B 152 3.77 23.07 8.89
C GLY B 152 2.63 23.17 9.89
N LEU B 153 2.99 23.05 11.16
CA LEU B 153 2.04 23.13 12.25
C LEU B 153 1.32 24.49 12.28
N LEU B 154 2.02 25.59 12.02
CA LEU B 154 1.39 26.89 12.02
C LEU B 154 0.48 27.11 10.80
N LEU B 155 0.88 26.55 9.65
CA LEU B 155 0.07 26.67 8.45
C LEU B 155 -1.21 25.87 8.66
N ALA B 156 -1.07 24.66 9.21
CA ALA B 156 -2.23 23.81 9.45
C ALA B 156 -3.18 24.54 10.41
N LYS B 157 -2.58 25.25 11.36
CA LYS B 157 -3.35 25.97 12.35
C LYS B 157 -4.01 27.17 11.70
N ALA B 158 -3.29 27.82 10.78
CA ALA B 158 -3.81 29.00 10.06
C ALA B 158 -5.04 28.64 9.23
N ILE B 159 -5.20 27.37 8.87
CA ILE B 159 -6.35 26.97 8.09
C ILE B 159 -7.38 26.31 9.00
N GLY B 160 -7.13 26.42 10.29
CA GLY B 160 -8.04 25.84 11.26
C GLY B 160 -8.23 24.34 11.18
N ALA B 161 -7.14 23.59 11.39
CA ALA B 161 -7.21 22.13 11.38
C ALA B 161 -7.36 21.65 12.83
N GLU B 162 -8.01 20.52 13.04
CA GLU B 162 -8.17 20.02 14.39
C GLU B 162 -7.18 18.94 14.69
N TYR B 163 -6.66 18.33 13.62
CA TYR B 163 -5.71 17.25 13.78
C TYR B 163 -4.64 17.46 12.76
N VAL B 164 -3.43 17.02 13.07
CA VAL B 164 -2.34 17.13 12.12
C VAL B 164 -1.63 15.81 12.00
N GLY B 165 -1.22 15.48 10.78
CA GLY B 165 -0.52 14.22 10.53
C GLY B 165 0.78 14.43 9.77
N PHE B 166 1.83 13.73 10.20
CA PHE B 166 3.09 13.84 9.51
C PHE B 166 3.34 12.56 8.71
N VAL B 167 3.84 12.71 7.47
CA VAL B 167 4.19 11.56 6.64
C VAL B 167 5.39 11.97 5.81
N ASP B 168 6.42 11.13 5.76
CA ASP B 168 7.62 11.47 4.98
C ASP B 168 7.47 11.30 3.47
N ALA B 169 8.37 11.92 2.72
CA ALA B 169 8.26 11.86 1.27
C ALA B 169 9.08 10.77 0.57
N ASP B 170 10.11 10.25 1.25
CA ASP B 170 10.96 9.23 0.63
C ASP B 170 10.40 7.82 0.85
N ASN B 171 9.12 7.63 0.53
CA ASN B 171 8.48 6.32 0.73
C ASN B 171 8.31 5.60 -0.59
N TYR B 172 8.75 4.35 -0.64
CA TYR B 172 8.61 3.54 -1.86
C TYR B 172 7.21 2.99 -2.08
N ILE B 173 6.37 3.07 -1.05
CA ILE B 173 5.04 2.52 -1.09
C ILE B 173 3.91 3.53 -0.92
N PRO B 174 3.41 4.07 -2.03
CA PRO B 174 2.31 5.04 -1.88
C PRO B 174 1.24 4.44 -0.99
N GLY B 175 0.88 3.20 -1.24
CA GLY B 175 -0.14 2.56 -0.45
C GLY B 175 0.00 2.68 1.06
N ALA B 176 1.22 2.77 1.55
CA ALA B 176 1.45 2.85 3.00
C ALA B 176 1.06 4.22 3.57
N VAL B 177 1.12 5.22 2.70
CA VAL B 177 0.78 6.58 3.09
C VAL B 177 -0.73 6.62 3.27
N ASN B 178 -1.42 5.94 2.38
CA ASN B 178 -2.86 5.91 2.46
C ASN B 178 -3.29 5.28 3.77
N GLU B 179 -2.53 4.28 4.24
CA GLU B 179 -2.88 3.61 5.49
C GLU B 179 -2.51 4.43 6.72
N TYR B 180 -1.45 5.24 6.62
CA TYR B 180 -1.01 6.04 7.76
C TYR B 180 -2.07 7.03 8.19
N VAL B 181 -2.65 7.69 7.19
CA VAL B 181 -3.65 8.69 7.42
C VAL B 181 -4.92 8.13 8.05
N LYS B 182 -5.35 6.96 7.60
CA LYS B 182 -6.56 6.30 8.12
C LYS B 182 -6.30 5.70 9.46
N ASP B 183 -5.03 5.40 9.71
CA ASP B 183 -4.66 4.84 10.99
C ASP B 183 -4.71 5.97 12.03
N TYR B 184 -4.32 7.16 11.63
CA TYR B 184 -4.37 8.29 12.56
C TYR B 184 -5.82 8.49 13.00
N ALA B 185 -6.69 8.62 12.02
CA ALA B 185 -8.12 8.81 12.25
C ALA B 185 -8.65 7.79 13.26
N ALA B 186 -8.44 6.50 13.00
CA ALA B 186 -8.91 5.47 13.91
C ALA B 186 -8.29 5.70 15.26
N GLY B 187 -7.03 6.13 15.27
CA GLY B 187 -6.37 6.41 16.53
C GLY B 187 -7.08 7.51 17.33
N PHE B 188 -7.60 8.53 16.67
CA PHE B 188 -8.31 9.58 17.41
C PHE B 188 -9.76 9.16 17.72
N LEU B 189 -10.30 8.25 16.93
CA LEU B 189 -11.68 7.83 17.15
C LEU B 189 -11.79 6.88 18.31
N SER B 191 -9.94 7.44 20.93
CA SER B 191 -9.48 8.26 22.04
C SER B 191 -10.58 8.96 22.80
N GLU B 192 -10.33 9.17 24.08
CA GLU B 192 -11.29 9.80 24.97
C GLU B 192 -10.87 11.20 25.38
N SER B 193 -9.64 11.57 25.09
CA SER B 193 -9.16 12.90 25.47
C SER B 193 -9.01 13.83 24.28
N GLU B 194 -9.00 15.12 24.55
CA GLU B 194 -8.84 16.12 23.51
C GLU B 194 -7.36 16.23 23.19
N TYR B 195 -6.53 15.71 24.08
CA TYR B 195 -5.07 15.70 23.90
C TYR B 195 -4.64 14.28 23.55
N THR B 196 -4.55 14.00 22.27
CA THR B 196 -4.21 12.69 21.83
C THR B 196 -3.14 12.71 20.77
N VAL B 198 -1.16 9.98 18.03
CA VAL B 198 -1.14 8.66 17.46
C VAL B 198 0.18 8.43 16.76
N ARG B 199 0.98 7.50 17.27
CA ARG B 199 2.27 7.17 16.65
C ARG B 199 2.19 5.79 15.98
N LEU B 200 2.88 5.65 14.84
CA LEU B 200 2.84 4.39 14.11
C LEU B 200 4.11 3.56 14.17
N HIS B 201 3.94 2.26 13.91
CA HIS B 201 5.07 1.34 13.92
C HIS B 201 4.98 0.30 12.80
N TRP B 202 6.10 -0.36 12.54
CA TRP B 202 6.16 -1.39 11.51
C TRP B 202 6.82 -2.64 12.08
N ARG B 220 17.15 -0.52 13.50
CA ARG B 220 17.94 -0.54 14.73
C ARG B 220 17.95 0.80 15.45
N VAL B 221 18.09 1.90 14.70
CA VAL B 221 18.06 3.22 15.32
C VAL B 221 16.83 3.23 16.21
N SER B 222 15.72 2.80 15.62
CA SER B 222 14.44 2.68 16.28
C SER B 222 14.57 1.91 17.58
N GLU B 223 14.94 0.64 17.46
CA GLU B 223 15.10 -0.24 18.59
C GLU B 223 16.03 0.29 19.68
N ILE B 224 17.11 0.95 19.27
CA ILE B 224 18.05 1.52 20.24
C ILE B 224 17.35 2.63 21.02
N THR B 225 16.68 3.52 20.30
CA THR B 225 15.97 4.61 20.92
C THR B 225 14.87 4.10 21.86
N ASN B 226 14.12 3.07 21.45
CA ASN B 226 13.06 2.56 22.32
C ASN B 226 13.65 1.94 23.56
N HIS B 227 14.73 1.18 23.39
CA HIS B 227 15.42 0.51 24.49
C HIS B 227 15.74 1.51 25.61
N TYR B 228 16.41 2.61 25.26
CA TYR B 228 16.74 3.63 26.22
C TYR B 228 15.53 4.45 26.71
N LEU B 229 14.52 4.59 25.87
CA LEU B 229 13.32 5.32 26.28
C LEU B 229 12.61 4.51 27.39
N ASN B 230 12.45 3.20 27.21
CA ASN B 230 11.77 2.43 28.25
C ASN B 230 12.65 2.41 29.49
N LEU B 231 13.96 2.43 29.25
CA LEU B 231 14.90 2.43 30.34
C LEU B 231 14.72 3.73 31.10
N LEU B 232 14.48 4.82 30.37
CA LEU B 232 14.30 6.12 30.98
C LEU B 232 13.18 6.07 32.02
N VAL B 233 12.20 5.22 31.77
CA VAL B 233 11.06 5.09 32.68
C VAL B 233 11.26 4.07 33.79
N SER B 234 11.71 2.88 33.41
CA SER B 234 11.87 1.83 34.40
C SER B 234 12.98 2.07 35.41
N GLU B 235 13.60 3.25 35.38
CA GLU B 235 14.65 3.55 36.35
C GLU B 235 14.03 4.06 37.63
N HIS B 236 12.92 4.77 37.50
CA HIS B 236 12.22 5.26 38.68
C HIS B 236 11.26 4.15 39.05
N THR B 237 10.44 3.70 38.10
CA THR B 237 9.57 2.57 38.42
C THR B 237 10.65 1.49 38.55
N ALA B 238 10.49 0.52 39.42
CA ALA B 238 11.56 -0.46 39.51
C ALA B 238 11.23 -1.64 38.62
N PHE B 239 10.40 -1.40 37.59
CA PHE B 239 9.99 -2.47 36.69
C PHE B 239 10.33 -2.23 35.25
N GLU B 240 11.31 -2.97 34.76
CA GLU B 240 11.72 -2.87 33.38
C GLU B 240 10.48 -2.91 32.49
N THR B 241 10.38 -1.97 31.56
CA THR B 241 9.21 -1.91 30.69
C THR B 241 9.54 -2.02 29.21
N THR B 242 8.50 -2.15 28.40
CA THR B 242 8.67 -2.34 26.96
C THR B 242 7.61 -1.58 26.19
N ILE B 243 6.69 -1.01 26.94
CA ILE B 243 5.56 -0.26 26.40
C ILE B 243 5.84 0.65 25.22
N VAL B 245 7.28 1.65 21.82
CA VAL B 245 7.83 1.01 20.62
C VAL B 245 7.85 1.97 19.47
N THR B 246 7.63 3.24 19.76
CA THR B 246 7.58 4.26 18.72
C THR B 246 8.40 5.51 19.08
N GLY B 247 9.34 5.38 19.98
CA GLY B 247 10.11 6.55 20.37
C GLY B 247 10.65 7.31 19.19
N ASN B 248 10.80 6.58 18.09
CA ASN B 248 11.35 7.17 16.91
C ASN B 248 10.43 7.26 15.71
N ALA B 249 9.13 7.24 15.92
CA ALA B 249 8.14 7.31 14.82
C ALA B 249 8.12 8.56 13.94
N GLY B 250 8.56 8.43 12.70
CA GLY B 250 8.53 9.56 11.81
C GLY B 250 7.08 9.80 11.45
N GLU B 251 6.31 8.72 11.38
CA GLU B 251 4.88 8.81 11.09
C GLU B 251 4.08 8.93 12.38
N HIS B 252 3.54 10.11 12.63
CA HIS B 252 2.73 10.32 13.80
C HIS B 252 1.75 11.44 13.61
N ALA B 253 0.82 11.58 14.55
CA ALA B 253 -0.21 12.60 14.45
C ALA B 253 -0.70 13.11 15.80
N THR B 255 -3.70 16.08 17.85
CA THR B 255 -4.85 16.96 17.87
C THR B 255 -4.14 18.32 18.00
N LYS B 257 -4.68 20.74 19.52
CA LYS B 257 -4.68 21.12 20.93
C LYS B 257 -3.46 20.75 21.73
N LEU B 258 -2.94 19.57 21.46
CA LEU B 258 -1.77 19.05 22.10
C LEU B 258 -0.53 19.62 21.40
N ALA B 259 -0.57 19.63 20.08
CA ALA B 259 0.53 20.12 19.27
C ALA B 259 0.92 21.57 19.64
N GLU B 260 -0.07 22.38 20.00
CA GLU B 260 0.26 23.75 20.33
C GLU B 260 0.93 23.97 21.69
N ILE B 261 0.87 22.98 22.58
CA ILE B 261 1.51 23.12 23.87
C ILE B 261 2.79 22.31 24.03
N LEU B 262 3.22 21.62 22.97
CA LEU B 262 4.45 20.84 23.04
C LEU B 262 5.63 21.63 22.53
N PRO B 263 6.71 21.66 23.30
CA PRO B 263 7.85 22.41 22.80
C PRO B 263 8.48 21.43 21.80
N PHE B 264 8.96 21.92 20.66
CA PHE B 264 9.55 21.03 19.68
C PHE B 264 11.06 21.12 19.55
N SER B 265 11.69 19.95 19.45
CA SER B 265 13.14 19.85 19.35
C SER B 265 13.58 19.90 17.89
N THR B 266 14.85 20.27 17.70
CA THR B 266 15.49 20.45 16.40
C THR B 266 15.85 19.22 15.57
N GLY B 267 15.71 19.39 14.24
CA GLY B 267 16.03 18.33 13.31
C GLY B 267 15.35 17.01 13.60
N TYR B 268 16.14 15.93 13.61
CA TYR B 268 15.64 14.58 13.86
C TYR B 268 15.36 14.21 15.31
N SER B 269 15.70 15.09 16.25
CA SER B 269 15.45 14.80 17.66
C SER B 269 14.00 15.03 18.06
N ILE B 270 13.17 15.52 17.11
CA ILE B 270 11.78 15.84 17.44
C ILE B 270 10.79 14.78 17.92
N GLU B 271 10.76 13.57 17.37
CA GLU B 271 9.79 12.63 17.93
C GLU B 271 10.20 12.04 19.27
N PRO B 272 11.51 11.79 19.48
CA PRO B 272 11.96 11.24 20.76
C PRO B 272 11.63 12.23 21.87
N TYR B 273 11.90 13.51 21.59
CA TYR B 273 11.67 14.52 22.57
C TYR B 273 10.21 14.70 22.92
N GLU B 274 9.32 14.42 21.97
CA GLU B 274 7.90 14.55 22.28
C GLU B 274 7.63 13.65 23.46
N ILE B 275 8.10 12.40 23.37
CA ILE B 275 7.90 11.42 24.44
C ILE B 275 8.56 11.88 25.72
N VAL B 276 9.85 12.22 25.63
CA VAL B 276 10.59 12.65 26.81
C VAL B 276 10.00 13.87 27.48
N TYR B 277 9.53 14.85 26.71
CA TYR B 277 8.97 16.02 27.33
C TYR B 277 7.66 15.70 28.00
N ILE B 278 6.82 14.92 27.34
CA ILE B 278 5.53 14.58 27.93
C ILE B 278 5.68 13.84 29.25
N LEU B 279 6.56 12.86 29.29
CA LEU B 279 6.78 12.10 30.51
C LEU B 279 7.30 13.04 31.60
N GLU B 280 8.24 13.90 31.24
CA GLU B 280 8.84 14.85 32.18
C GLU B 280 7.85 15.84 32.76
N ARG B 281 6.95 16.34 31.93
CA ARG B 281 6.01 17.35 32.35
C ARG B 281 4.69 16.88 32.86
N PHE B 282 4.16 15.82 32.29
CA PHE B 282 2.86 15.36 32.71
C PHE B 282 2.83 14.00 33.42
N GLY B 283 4.01 13.40 33.59
CA GLY B 283 4.13 12.12 34.26
C GLY B 283 3.96 12.16 35.78
N LYS B 284 3.91 13.36 36.36
CA LYS B 284 3.72 13.51 37.80
C LYS B 284 2.69 14.60 37.91
N TRP B 285 2.10 14.77 39.09
CA TRP B 285 1.11 15.83 39.25
C TRP B 285 1.73 17.04 39.92
N GLU B 286 2.44 17.85 39.15
CA GLU B 286 3.04 19.02 39.75
C GLU B 286 2.85 20.16 38.77
N ASN B 287 2.62 21.36 39.31
CA ASN B 287 2.39 22.57 38.51
C ASN B 287 1.13 22.36 37.68
N VAL B 288 0.16 21.67 38.25
CA VAL B 288 -1.07 21.39 37.56
C VAL B 288 -1.85 22.65 37.18
N GLU B 289 -1.69 23.72 37.95
CA GLU B 289 -2.44 24.95 37.65
C GLU B 289 -2.09 25.51 36.29
N GLU B 290 -0.89 25.19 35.82
CA GLU B 290 -0.42 25.69 34.53
C GLU B 290 -1.16 25.06 33.35
N PHE B 291 -1.49 23.78 33.48
CA PHE B 291 -2.19 23.05 32.43
C PHE B 291 -3.32 22.33 33.10
N LYS B 292 -4.20 23.09 33.70
CA LYS B 292 -5.33 22.50 34.41
C LYS B 292 -6.16 21.57 33.53
N ASP B 293 -6.40 21.96 32.29
CA ASP B 293 -7.22 21.12 31.43
C ASP B 293 -6.55 19.86 30.92
N VAL B 294 -5.24 19.93 30.70
CA VAL B 294 -4.54 18.77 30.20
C VAL B 294 -4.51 17.70 31.28
N PHE B 295 -4.13 18.11 32.50
CA PHE B 295 -4.09 17.20 33.63
C PHE B 295 -5.43 16.54 33.93
N ASP B 296 -6.52 17.26 33.69
CA ASP B 296 -7.86 16.71 33.95
C ASP B 296 -8.27 15.67 32.92
N GLN B 297 -8.11 16.02 31.63
CA GLN B 297 -8.45 15.14 30.53
C GLN B 297 -7.41 14.04 30.32
N GLY B 298 -6.15 14.37 30.59
CA GLY B 298 -5.06 13.44 30.42
C GLY B 298 -4.51 13.48 28.99
N ILE B 299 -3.34 12.91 28.81
CA ILE B 299 -2.73 12.84 27.49
C ILE B 299 -2.82 11.37 27.11
N GLU B 300 -3.32 11.09 25.93
CA GLU B 300 -3.40 9.71 25.48
C GLU B 300 -2.53 9.53 24.26
N ILE B 301 -1.70 8.50 24.34
CA ILE B 301 -0.80 8.16 23.26
C ILE B 301 -1.13 6.78 22.78
N PHE B 302 -1.42 6.66 21.49
CA PHE B 302 -1.74 5.40 20.86
C PHE B 302 -0.55 4.97 20.01
N GLN B 303 -0.40 3.66 19.86
CA GLN B 303 0.67 3.08 19.08
C GLN B 303 0.04 2.00 18.22
N ILE B 304 -0.09 2.30 16.93
CA ILE B 304 -0.65 1.36 16.01
C ILE B 304 0.40 0.79 15.09
N GLU B 305 0.35 -0.53 14.97
CA GLU B 305 1.26 -1.30 14.17
C GLU B 305 0.62 -1.37 12.79
N THR B 306 1.34 -0.95 11.75
CA THR B 306 0.79 -0.97 10.41
C THR B 306 0.93 -2.31 9.68
N LEU B 307 0.04 -2.50 8.73
CA LEU B 307 -0.03 -3.68 7.92
C LEU B 307 1.08 -3.64 6.86
N ASN B 308 1.32 -2.47 6.29
CA ASN B 308 2.36 -2.32 5.27
C ASN B 308 3.75 -2.14 5.88
N PRO B 309 4.77 -2.76 5.24
CA PRO B 309 6.15 -2.65 5.74
C PRO B 309 6.66 -1.21 5.62
N HIS B 310 7.75 -0.91 6.32
CA HIS B 310 8.36 0.41 6.31
C HIS B 310 9.50 0.38 5.31
N PHE B 311 9.42 1.21 4.29
CA PHE B 311 10.47 1.19 3.29
C PHE B 311 10.78 2.56 2.72
N HIS B 312 11.93 3.11 3.13
CA HIS B 312 12.39 4.40 2.66
C HIS B 312 13.65 4.32 1.81
N GLU B 313 14.00 5.47 1.22
CA GLU B 313 15.20 5.60 0.42
C GLU B 313 16.34 5.52 1.44
N ASP B 314 17.41 4.76 1.18
CA ASP B 314 18.50 4.73 2.16
C ASP B 314 19.26 6.04 1.98
N LYS B 315 19.35 6.83 3.05
CA LYS B 315 20.05 8.11 2.99
C LYS B 315 21.54 8.04 3.26
N GLY B 316 22.06 6.84 3.48
CA GLY B 316 23.48 6.70 3.73
C GLY B 316 23.85 6.56 5.19
N LYS B 317 25.02 5.99 5.44
CA LYS B 317 25.48 5.77 6.82
C LYS B 317 25.74 7.00 7.68
N GLU B 318 26.23 8.08 7.09
CA GLU B 318 26.52 9.29 7.84
C GLU B 318 25.21 9.82 8.42
N HIS B 319 24.17 9.81 7.59
CA HIS B 319 22.83 10.26 7.96
C HIS B 319 22.21 9.43 9.10
N VAL B 320 22.43 8.11 9.04
CA VAL B 320 21.93 7.17 10.04
C VAL B 320 22.61 7.38 11.37
N LYS B 321 23.78 8.01 11.33
CA LYS B 321 24.56 8.23 12.53
C LYS B 321 24.22 9.53 13.25
N GLU B 322 23.77 10.50 12.48
CA GLU B 322 23.41 11.78 13.01
C GLU B 322 22.08 11.61 13.74
N LEU B 324 20.85 8.83 15.07
CA LEU B 324 21.12 8.04 16.26
C LEU B 324 21.66 8.97 17.32
N LEU B 325 22.57 9.86 16.92
CA LEU B 325 23.19 10.80 17.82
C LEU B 325 22.22 11.72 18.53
N LEU B 326 21.45 12.49 17.80
CA LEU B 326 20.58 13.37 18.53
C LEU B 326 19.33 12.74 19.11
N SER B 327 19.03 11.49 18.76
CA SER B 327 17.87 10.86 19.37
C SER B 327 18.35 10.33 20.73
N LEU B 328 19.60 9.93 20.81
CA LEU B 328 20.15 9.46 22.07
C LEU B 328 20.63 10.63 22.96
N ALA B 329 20.93 11.77 22.36
CA ALA B 329 21.36 12.94 23.14
C ALA B 329 20.18 13.48 23.90
N THR B 330 19.01 13.39 23.27
CA THR B 330 17.76 13.84 23.84
C THR B 330 17.47 13.08 25.12
N ILE B 331 17.68 11.77 25.12
CA ILE B 331 17.42 11.00 26.34
C ILE B 331 18.48 11.25 27.39
N TYR B 332 19.72 11.40 26.94
CA TYR B 332 20.86 11.67 27.80
C TYR B 332 20.65 12.95 28.62
N HIS B 333 20.06 13.97 28.03
CA HIS B 333 19.88 15.19 28.82
C HIS B 333 18.58 15.29 29.56
N SER B 334 17.75 14.28 29.44
CA SER B 334 16.49 14.28 30.15
C SER B 334 16.74 14.51 31.66
N LYS B 335 15.90 15.33 32.26
CA LYS B 335 16.01 15.60 33.68
C LYS B 335 15.56 14.32 34.40
N LEU B 336 15.34 13.27 33.61
CA LEU B 336 14.91 11.98 34.12
C LEU B 336 16.02 10.96 33.97
N ALA B 337 17.02 11.26 33.14
CA ALA B 337 18.13 10.33 32.96
C ALA B 337 18.87 10.16 34.28
N THR B 338 19.33 8.95 34.55
CA THR B 338 20.06 8.64 35.80
C THR B 338 21.54 8.42 35.53
N ASP B 339 22.32 8.26 36.59
CA ASP B 339 23.75 8.02 36.47
C ASP B 339 24.00 6.94 35.45
N ASN B 340 23.39 5.79 35.74
CA ASN B 340 23.51 4.59 34.94
C ASN B 340 23.00 4.69 33.50
N LEU B 341 21.89 5.39 33.31
CA LEU B 341 21.34 5.52 31.97
C LEU B 341 22.32 6.25 31.05
N ARG B 342 22.97 7.28 31.58
CA ARG B 342 23.92 8.07 30.79
C ARG B 342 25.19 7.40 30.34
N LYS B 343 25.81 6.62 31.22
CA LYS B 343 27.05 5.95 30.87
C LYS B 343 26.80 4.91 29.79
N ARG B 344 25.72 4.15 29.96
CA ARG B 344 25.34 3.13 28.99
C ARG B 344 25.16 3.79 27.65
N ILE B 345 24.57 4.98 27.66
CA ILE B 345 24.41 5.68 26.41
C ILE B 345 25.81 6.06 25.94
N LEU B 346 26.52 6.85 26.74
CA LEU B 346 27.87 7.30 26.41
C LEU B 346 28.71 6.23 25.74
N LYS B 347 28.75 5.06 26.38
CA LYS B 347 29.51 3.93 25.85
C LYS B 347 29.11 3.64 24.41
N ASP B 348 27.84 3.26 24.20
CA ASP B 348 27.36 2.94 22.88
C ASP B 348 27.66 4.10 21.95
N LEU B 349 27.32 5.30 22.40
CA LEU B 349 27.52 6.46 21.56
C LEU B 349 28.99 6.65 21.20
N ARG B 350 29.90 6.02 21.95
CA ARG B 350 31.31 6.20 21.65
C ARG B 350 32.00 5.06 20.93
N ASP B 351 31.59 3.82 21.19
CA ASP B 351 32.30 2.76 20.49
C ASP B 351 31.72 2.44 19.10
N HIS B 352 30.97 3.38 18.54
CA HIS B 352 30.43 3.22 17.19
C HIS B 352 30.82 4.46 16.40
N GLY B 353 32.07 4.90 16.62
CA GLY B 353 32.66 6.04 15.95
C GLY B 353 31.78 7.26 15.82
N ILE B 354 31.10 7.60 16.90
CA ILE B 354 30.18 8.73 16.87
C ILE B 354 30.39 9.78 17.96
N LEU B 355 30.95 9.38 19.10
CA LEU B 355 31.19 10.33 20.16
C LEU B 355 32.63 10.23 20.68
N GLY B 356 33.23 11.40 20.94
CA GLY B 356 34.58 11.45 21.46
C GLY B 356 34.74 10.56 22.68
N GLU B 357 35.98 10.26 23.04
CA GLU B 357 36.26 9.40 24.17
C GLU B 357 36.09 10.10 25.52
N ASN B 358 35.96 11.42 25.45
CA ASN B 358 35.70 12.31 26.59
C ASN B 358 34.90 13.42 25.94
N GLU B 359 33.80 13.06 25.34
CA GLU B 359 32.98 14.06 24.70
C GLU B 359 31.62 13.67 25.22
N GLU B 360 30.77 14.66 25.40
CA GLU B 360 29.43 14.36 25.84
C GLU B 360 28.57 14.81 24.68
N PRO B 361 27.44 14.16 24.46
CA PRO B 361 26.64 14.61 23.34
C PRO B 361 26.08 16.01 23.57
N PRO B 362 26.02 16.82 22.51
CA PRO B 362 25.48 18.17 22.70
C PRO B 362 23.98 18.13 23.00
N LYS B 363 23.54 19.14 23.71
CA LYS B 363 22.13 19.30 24.07
C LYS B 363 21.34 19.78 22.84
N PRO B 364 20.44 18.94 22.32
CA PRO B 364 19.69 19.40 21.14
C PRO B 364 18.90 20.65 21.48
N LEU B 365 18.84 21.58 20.54
CA LEU B 365 18.11 22.82 20.71
C LEU B 365 16.61 22.52 20.71
N VAL B 366 15.91 23.12 21.67
CA VAL B 366 14.48 22.93 21.82
C VAL B 366 13.80 24.26 21.63
N ARG B 368 10.27 26.69 21.68
CA ARG B 368 9.07 26.86 22.46
C ARG B 368 7.78 26.49 21.72
N PRO B 369 6.70 26.22 22.47
CA PRO B 369 5.39 25.85 21.93
C PRO B 369 4.76 27.03 21.18
N ILE B 370 4.43 26.80 19.92
CA ILE B 370 3.82 27.78 19.03
C ILE B 370 2.53 28.39 19.54
N LYS B 371 2.04 27.88 20.65
CA LYS B 371 0.78 28.33 21.23
C LYS B 371 0.46 29.83 21.25
N GLU B 372 1.34 30.58 21.90
CA GLU B 372 1.17 32.02 22.06
C GLU B 372 1.10 32.86 20.79
N ILE B 373 1.46 32.28 19.65
CA ILE B 373 1.46 33.06 18.41
C ILE B 373 0.08 33.45 17.91
N PRO B 374 -0.08 34.75 17.56
CA PRO B 374 -1.33 35.32 17.04
C PRO B 374 -1.46 34.82 15.61
N ILE B 375 -1.76 33.52 15.52
CA ILE B 375 -1.85 32.82 14.26
C ILE B 375 -2.30 33.59 13.02
N LYS B 376 -3.54 34.05 12.96
CA LYS B 376 -3.99 34.78 11.76
C LYS B 376 -3.15 36.03 11.46
N GLU B 377 -2.52 36.58 12.47
CA GLU B 377 -1.69 37.76 12.29
C GLU B 377 -0.34 37.32 11.72
N TRP B 378 0.13 36.15 12.13
CA TRP B 378 1.37 35.60 11.64
C TRP B 378 1.11 35.13 10.23
N ASP B 380 -0.96 36.47 8.07
CA ASP B 380 -1.03 37.55 7.11
C ASP B 380 0.32 38.20 6.85
N ILE B 381 1.27 38.08 7.78
CA ILE B 381 2.60 38.62 7.50
C ILE B 381 3.21 37.64 6.50
N VAL B 382 3.07 36.35 6.78
CA VAL B 382 3.58 35.32 5.90
C VAL B 382 2.93 35.52 4.54
N GLU B 383 1.60 35.55 4.54
CA GLU B 383 0.84 35.68 3.31
C GLU B 383 1.11 36.95 2.50
N GLY B 384 1.64 37.98 3.13
CA GLY B 384 1.91 39.22 2.43
C GLY B 384 3.37 39.53 2.16
N ASN B 385 4.25 38.60 2.47
CA ASN B 385 5.68 38.81 2.25
C ASN B 385 6.44 37.60 1.73
N SER B 386 5.76 36.46 1.53
CA SER B 386 6.49 35.28 1.09
C SER B 386 6.40 34.82 -0.36
N GLU B 387 7.52 34.94 -1.04
CA GLU B 387 7.69 34.60 -2.45
C GLU B 387 7.57 33.10 -2.83
N THR B 388 7.62 32.18 -1.85
CA THR B 388 7.54 30.77 -2.21
C THR B 388 6.22 30.05 -1.87
N LEU B 389 5.29 30.78 -1.27
CA LEU B 389 3.99 30.24 -0.88
C LEU B 389 2.97 30.07 -2.02
N LEU B 390 2.51 28.84 -2.20
CA LEU B 390 1.53 28.47 -3.21
C LEU B 390 0.29 27.90 -2.53
N ARG B 391 -0.88 28.31 -3.00
CA ARG B 391 -2.14 27.85 -2.44
C ARG B 391 -3.07 27.40 -3.55
N PHE B 392 -3.73 26.29 -3.30
CA PHE B 392 -4.64 25.70 -4.26
C PHE B 392 -5.90 25.29 -3.53
N GLU B 393 -6.97 26.04 -3.72
CA GLU B 393 -8.25 25.75 -3.05
C GLU B 393 -8.01 25.60 -1.56
N LEU B 394 -6.96 26.23 -1.05
CA LEU B 394 -6.67 26.07 0.36
C LEU B 394 -6.02 27.25 1.08
#